data_6QLA
#
_entry.id   6QLA
#
_cell.length_a   47.140
_cell.length_b   92.180
_cell.length_c   74.460
_cell.angle_alpha   90.000
_cell.angle_beta   106.410
_cell.angle_gamma   90.000
#
_symmetry.space_group_name_H-M   'P 1 21 1'
#
loop_
_entity.id
_entity.type
_entity.pdbx_description
1 polymer PMGL2
2 non-polymer 'CHLORIDE ION'
3 non-polymer 1-(2-METHOXY-ETHOXY)-2-{2-[2-(2-METHOXY-ETHOXY]-ETHOXY}-ETHANE
4 non-polymer 'MAGNESIUM ION'
5 water water
#
_entity_poly.entity_id   1
_entity_poly.type   'polypeptide(L)'
_entity_poly.pdbx_seq_one_letter_code
;MASGSASSAQTPGLMSWLPPSNQLSPEARSVLDRMDAAKAPEFNGDLVRQRAFYQQFNDDRLVEMRRVFRTRERHETLNA
VHVQVVEPADGVSARNRDRVLINVHGGAFMWGAGSGALVEAIPIAATMGVSVVTVDYRLAPENRYPAASEDVTAVYRALL
ERYPAANIGIFGTSAGGVITAQAVTWIRREGLPRPGAIGTLSGTGAPYSGDSPYLAGVVPVGPGVKAPPLPGLLPTAYME
GVGADDARAYPLTSDAETVFMPPTLLLAGGRDFAVSALSLAHRRLARAGVDSELHLFDGLPHAFFVWPDMPESLEAYALI
AGFFDSRLGLTPSSSIPTPRSPSLEHHHHHH
;
_entity_poly.pdbx_strand_id   A,B
#
loop_
_chem_comp.id
_chem_comp.type
_chem_comp.name
_chem_comp.formula
CL non-polymer 'CHLORIDE ION' 'Cl -1'
MG non-polymer 'MAGNESIUM ION' 'Mg 2'
PG6 non-polymer 1-(2-METHOXY-ETHOXY)-2-{2-[2-(2-METHOXY-ETHOXY]-ETHOXY}-ETHANE 'C12 H26 O6'
#
# COMPACT_ATOMS: atom_id res chain seq x y z
N LEU A 14 21.52 6.99 -2.23
CA LEU A 14 20.49 7.58 -3.11
C LEU A 14 19.61 8.54 -2.28
N MET A 15 19.15 8.09 -1.11
CA MET A 15 18.14 8.82 -0.30
C MET A 15 18.76 10.00 0.45
N SER A 16 20.09 10.03 0.61
CA SER A 16 20.83 11.10 1.33
C SER A 16 20.74 12.42 0.55
N TRP A 17 20.43 12.33 -0.76
CA TRP A 17 20.22 13.50 -1.66
C TRP A 17 18.83 14.14 -1.43
N LEU A 18 17.91 13.42 -0.77
CA LEU A 18 16.53 13.91 -0.58
C LEU A 18 16.45 14.63 0.73
N PRO A 19 15.53 15.63 0.84
CA PRO A 19 15.16 16.14 2.14
C PRO A 19 14.40 15.02 2.84
N PRO A 20 14.24 15.11 4.16
CA PRO A 20 13.31 14.24 4.85
C PRO A 20 11.95 14.39 4.17
N SER A 21 11.15 13.32 4.16
CA SER A 21 9.79 13.44 3.62
C SER A 21 9.07 14.60 4.32
N ASN A 22 8.45 15.45 3.48
CA ASN A 22 7.71 16.59 4.00
C ASN A 22 6.40 16.19 4.69
N GLN A 23 6.04 14.89 4.69
CA GLN A 23 4.88 14.40 5.45
C GLN A 23 5.19 14.22 6.92
N LEU A 24 6.44 14.15 7.30
CA LEU A 24 6.85 13.72 8.66
C LEU A 24 6.64 14.81 9.72
N SER A 25 6.24 14.40 10.90
CA SER A 25 6.12 15.26 12.10
C SER A 25 7.52 15.76 12.47
N PRO A 26 7.60 16.88 13.22
CA PRO A 26 8.90 17.26 13.76
C PRO A 26 9.53 16.19 14.65
N GLU A 27 8.71 15.47 15.40
CA GLU A 27 9.19 14.37 16.25
C GLU A 27 9.82 13.30 15.37
N ALA A 28 9.18 12.91 14.25
CA ALA A 28 9.80 11.89 13.38
C ALA A 28 11.14 12.38 12.81
N ARG A 29 11.22 13.66 12.45
CA ARG A 29 12.52 14.15 11.93
C ARG A 29 13.60 14.03 13.00
N SER A 30 13.25 14.23 14.27
CA SER A 30 14.19 14.04 15.40
C SER A 30 14.56 12.56 15.52
N VAL A 31 13.57 11.68 15.44
CA VAL A 31 13.86 10.24 15.56
C VAL A 31 14.79 9.80 14.42
N LEU A 32 14.60 10.31 13.20
CA LEU A 32 15.47 9.93 12.07
C LEU A 32 16.93 10.20 12.44
N ASP A 33 17.20 11.30 13.10
CA ASP A 33 18.61 11.59 13.47
C ASP A 33 19.06 10.67 14.58
N ARG A 34 18.18 10.35 15.53
CA ARG A 34 18.53 9.38 16.61
C ARG A 34 18.80 8.01 16.02
N MET A 35 18.03 7.64 14.99
CA MET A 35 18.24 6.35 14.32
C MET A 35 19.66 6.31 13.72
N ASP A 36 20.08 7.40 13.08
CA ASP A 36 21.41 7.48 12.43
C ASP A 36 22.48 7.39 13.51
N ALA A 37 22.28 8.02 14.66
CA ALA A 37 23.29 7.98 15.74
C ALA A 37 23.38 6.56 16.33
N ALA A 38 22.30 5.77 16.25
CA ALA A 38 22.20 4.44 16.88
C ALA A 38 22.71 3.36 15.93
N LYS A 39 23.15 3.71 14.71
CA LYS A 39 23.55 2.71 13.68
C LYS A 39 24.81 1.99 14.16
N ALA A 40 24.88 0.69 13.85
CA ALA A 40 26.01 -0.17 14.27
C ALA A 40 27.26 0.21 13.50
N PRO A 41 28.43 0.11 14.16
CA PRO A 41 29.72 0.19 13.45
C PRO A 41 29.92 -1.15 12.73
N GLU A 42 31.04 -1.30 12.02
CA GLU A 42 31.34 -2.55 11.26
C GLU A 42 31.82 -3.62 12.24
N PHE A 43 31.28 -4.83 12.15
CA PHE A 43 31.60 -5.93 13.10
C PHE A 43 32.49 -6.99 12.45
N ASN A 44 32.60 -7.01 11.13
CA ASN A 44 33.51 -7.97 10.44
C ASN A 44 33.13 -9.42 10.80
N GLY A 45 31.83 -9.74 10.91
CA GLY A 45 31.33 -11.09 11.21
C GLY A 45 31.45 -11.47 12.68
N ASP A 46 31.80 -10.53 13.54
CA ASP A 46 31.95 -10.77 15.00
C ASP A 46 30.56 -10.80 15.63
N LEU A 47 29.94 -11.97 15.66
CA LEU A 47 28.57 -12.19 16.17
C LEU A 47 28.50 -11.76 17.63
N VAL A 48 29.52 -12.06 18.44
CA VAL A 48 29.46 -11.71 19.89
C VAL A 48 29.36 -10.18 20.03
N ARG A 49 30.18 -9.42 19.31
CA ARG A 49 30.14 -7.94 19.35
C ARG A 49 28.78 -7.46 18.82
N GLN A 50 28.32 -8.07 17.75
CA GLN A 50 27.05 -7.66 17.08
C GLN A 50 25.90 -7.90 18.07
N ARG A 51 25.82 -9.06 18.68
CA ARG A 51 24.80 -9.37 19.71
C ARG A 51 24.88 -8.36 20.85
N ALA A 52 26.08 -8.04 21.34
CA ALA A 52 26.19 -7.10 22.46
C ALA A 52 25.65 -5.72 22.05
N PHE A 53 25.93 -5.29 20.82
CA PHE A 53 25.51 -3.97 20.29
C PHE A 53 23.98 -3.93 20.27
N TYR A 54 23.37 -4.96 19.72
CA TYR A 54 21.89 -4.95 19.55
C TYR A 54 21.21 -5.20 20.88
N GLN A 55 21.83 -5.89 21.83
CA GLN A 55 21.31 -5.99 23.21
C GLN A 55 21.15 -4.58 23.77
N GLN A 56 22.15 -3.75 23.63
CA GLN A 56 22.08 -2.37 24.15
C GLN A 56 21.02 -1.57 23.37
N PHE A 57 20.97 -1.72 22.05
CA PHE A 57 19.98 -1.02 21.22
C PHE A 57 18.57 -1.37 21.72
N ASN A 58 18.29 -2.66 21.92
CA ASN A 58 16.95 -3.12 22.34
C ASN A 58 16.68 -2.63 23.77
N ASP A 59 17.69 -2.63 24.63
CA ASP A 59 17.48 -2.10 26.00
C ASP A 59 17.15 -0.59 25.91
N ASP A 60 17.79 0.16 25.02
CA ASP A 60 17.51 1.61 24.90
C ASP A 60 16.05 1.82 24.44
N ARG A 61 15.60 1.07 23.44
CA ARG A 61 14.21 1.22 22.93
C ARG A 61 13.26 0.82 24.06
N LEU A 62 13.63 -0.15 24.88
CA LEU A 62 12.76 -0.61 25.97
C LEU A 62 12.55 0.51 26.97
N VAL A 63 13.61 1.24 27.29
CA VAL A 63 13.48 2.39 28.22
C VAL A 63 12.44 3.35 27.63
N GLU A 64 12.51 3.60 26.34
CA GLU A 64 11.60 4.56 25.68
C GLU A 64 10.17 4.02 25.73
N MET A 65 9.99 2.73 25.52
CA MET A 65 8.65 2.11 25.58
C MET A 65 8.06 2.30 26.96
N ARG A 66 8.87 2.08 28.00
CA ARG A 66 8.36 2.12 29.41
C ARG A 66 8.01 3.54 29.81
N ARG A 67 8.55 4.54 29.16
CA ARG A 67 8.15 5.95 29.39
C ARG A 67 6.75 6.20 28.83
N VAL A 68 6.41 5.57 27.71
CA VAL A 68 5.18 5.92 26.95
C VAL A 68 4.03 5.03 27.43
N PHE A 69 4.30 3.77 27.72
CA PHE A 69 3.28 2.73 27.93
C PHE A 69 3.39 2.10 29.30
N ARG A 70 2.25 1.80 29.89
CA ARG A 70 2.18 1.12 31.20
C ARG A 70 1.72 -0.31 31.01
N THR A 71 2.63 -1.27 31.16
CA THR A 71 2.36 -2.70 30.98
C THR A 71 2.87 -3.49 32.17
N ARG A 72 2.42 -4.69 32.26
CA ARG A 72 2.98 -5.71 33.18
C ARG A 72 3.42 -6.87 32.30
N GLU A 73 4.56 -7.48 32.63
CA GLU A 73 5.09 -8.63 31.87
C GLU A 73 5.27 -9.79 32.83
N ARG A 74 4.89 -10.99 32.39
CA ARG A 74 5.17 -12.21 33.18
C ARG A 74 5.89 -13.18 32.25
N HIS A 75 6.86 -13.89 32.76
CA HIS A 75 7.43 -15.09 32.09
C HIS A 75 6.54 -16.30 32.26
N GLU A 76 6.39 -17.10 31.22
CA GLU A 76 5.66 -18.34 31.21
C GLU A 76 6.42 -19.28 30.28
N THR A 77 6.02 -20.52 30.37
CA THR A 77 6.48 -21.59 29.47
C THR A 77 5.22 -22.20 28.90
N LEU A 78 5.10 -22.24 27.58
CA LEU A 78 3.97 -22.91 26.92
C LEU A 78 4.49 -23.99 25.97
N ASN A 79 4.10 -25.25 26.22
CA ASN A 79 4.58 -26.41 25.45
C ASN A 79 6.08 -26.31 25.30
N ALA A 80 6.78 -26.10 26.43
CA ALA A 80 8.23 -26.13 26.53
C ALA A 80 8.92 -24.96 25.84
N VAL A 81 8.14 -23.92 25.48
CA VAL A 81 8.73 -22.71 24.88
C VAL A 81 8.59 -21.54 25.85
N HIS A 82 9.68 -20.88 26.07
CA HIS A 82 9.71 -19.66 26.92
C HIS A 82 8.96 -18.55 26.19
N VAL A 83 8.06 -17.87 26.89
CA VAL A 83 7.34 -16.67 26.40
C VAL A 83 7.36 -15.61 27.48
N GLN A 84 7.10 -14.38 27.09
CA GLN A 84 6.71 -13.33 28.03
C GLN A 84 5.29 -12.92 27.68
N VAL A 85 4.45 -12.78 28.68
CA VAL A 85 3.04 -12.39 28.51
C VAL A 85 2.94 -10.93 28.90
N VAL A 86 2.54 -10.08 27.96
CA VAL A 86 2.60 -8.61 28.13
C VAL A 86 1.17 -8.12 28.11
N GLU A 87 0.76 -7.35 29.14
CA GLU A 87 -0.63 -6.87 29.20
C GLU A 87 -0.59 -5.41 29.61
N PRO A 88 -1.67 -4.66 29.36
CA PRO A 88 -1.80 -3.35 30.00
C PRO A 88 -1.71 -3.53 31.52
N ALA A 89 -1.08 -2.54 32.15
CA ALA A 89 -0.78 -2.65 33.60
C ALA A 89 -2.04 -2.89 34.43
N ASP A 90 -3.19 -2.32 34.07
CA ASP A 90 -4.42 -2.50 34.89
C ASP A 90 -5.32 -3.57 34.30
N GLY A 91 -4.91 -4.23 33.22
CA GLY A 91 -5.62 -5.39 32.72
C GLY A 91 -6.07 -5.22 31.25
N VAL A 92 -6.43 -6.33 30.63
CA VAL A 92 -6.92 -6.28 29.23
C VAL A 92 -8.33 -5.72 29.20
N SER A 93 -8.67 -5.13 28.08
CA SER A 93 -9.98 -4.51 27.86
C SER A 93 -11.05 -5.59 27.76
N ALA A 94 -12.29 -5.24 28.08
CA ALA A 94 -13.44 -6.12 27.90
C ALA A 94 -13.55 -6.57 26.43
N ARG A 95 -13.29 -5.68 25.49
CA ARG A 95 -13.35 -5.96 24.04
C ARG A 95 -12.45 -7.18 23.73
N ASN A 96 -11.32 -7.30 24.43
CA ASN A 96 -10.28 -8.29 24.11
C ASN A 96 -10.15 -9.42 25.12
N ARG A 97 -11.15 -9.62 25.96
CA ARG A 97 -11.08 -10.69 26.98
C ARG A 97 -10.88 -12.09 26.37
N ASP A 98 -11.36 -12.32 25.15
CA ASP A 98 -11.32 -13.66 24.55
C ASP A 98 -10.35 -13.68 23.36
N ARG A 99 -9.45 -12.71 23.31
CA ARG A 99 -8.47 -12.60 22.20
C ARG A 99 -7.05 -12.67 22.74
N VAL A 100 -6.09 -13.04 21.92
CA VAL A 100 -4.68 -12.98 22.32
C VAL A 100 -3.87 -12.74 21.06
N LEU A 101 -2.76 -12.03 21.16
CA LEU A 101 -1.79 -11.92 20.05
C LEU A 101 -0.54 -12.67 20.45
N ILE A 102 0.04 -13.33 19.48
CA ILE A 102 1.42 -13.85 19.57
C ILE A 102 2.33 -12.89 18.86
N ASN A 103 3.39 -12.41 19.49
CA ASN A 103 4.44 -11.63 18.88
C ASN A 103 5.67 -12.50 18.62
N VAL A 104 6.26 -12.29 17.48
CA VAL A 104 7.52 -12.93 17.03
C VAL A 104 8.51 -11.81 16.80
N HIS A 105 9.50 -11.66 17.66
CA HIS A 105 10.40 -10.52 17.57
C HIS A 105 11.31 -10.60 16.34
N GLY A 106 11.75 -9.44 15.92
CA GLY A 106 12.84 -9.35 14.91
C GLY A 106 14.20 -9.34 15.56
N GLY A 107 15.22 -9.01 14.77
CA GLY A 107 16.62 -9.10 15.20
C GLY A 107 17.43 -9.96 14.26
N ALA A 108 17.16 -9.91 12.98
CA ALA A 108 18.01 -10.55 11.93
C ALA A 108 18.13 -12.04 12.19
N PHE A 109 17.17 -12.66 12.87
CA PHE A 109 17.12 -14.08 13.17
C PHE A 109 18.24 -14.51 14.15
N MET A 110 18.97 -13.58 14.73
CA MET A 110 20.19 -13.91 15.52
C MET A 110 20.19 -13.21 16.87
N TRP A 111 19.31 -12.20 17.11
CA TRP A 111 19.25 -11.49 18.39
C TRP A 111 17.81 -10.97 18.56
N GLY A 112 17.63 -10.12 19.55
CA GLY A 112 16.30 -9.53 19.88
C GLY A 112 15.61 -10.27 20.98
N ALA A 113 16.14 -11.38 21.53
CA ALA A 113 15.51 -12.08 22.66
C ALA A 113 15.44 -11.16 23.87
N GLY A 114 14.33 -11.20 24.56
CA GLY A 114 14.12 -10.49 25.84
C GLY A 114 13.72 -9.05 25.55
N SER A 115 14.62 -8.08 25.69
CA SER A 115 14.19 -6.68 25.53
C SER A 115 13.64 -6.42 24.12
N GLY A 116 14.23 -6.98 23.04
CA GLY A 116 13.75 -6.78 21.67
C GLY A 116 12.29 -7.24 21.54
N ALA A 117 11.97 -8.35 22.16
CA ALA A 117 10.60 -8.91 22.13
C ALA A 117 9.66 -7.97 22.91
N LEU A 118 10.08 -7.47 24.07
CA LEU A 118 9.18 -6.54 24.81
C LEU A 118 8.97 -5.25 24.01
N VAL A 119 9.96 -4.81 23.27
CA VAL A 119 9.85 -3.58 22.48
C VAL A 119 8.76 -3.73 21.42
N GLU A 120 8.58 -4.93 20.89
CA GLU A 120 7.47 -5.13 19.92
C GLU A 120 6.13 -5.38 20.62
N ALA A 121 6.12 -6.04 21.75
CA ALA A 121 4.89 -6.49 22.43
C ALA A 121 4.24 -5.34 23.20
N ILE A 122 5.01 -4.57 23.94
CA ILE A 122 4.48 -3.52 24.85
C ILE A 122 3.57 -2.56 24.09
N PRO A 123 3.98 -1.92 22.97
CA PRO A 123 3.13 -0.86 22.38
C PRO A 123 1.82 -1.47 21.89
N ILE A 124 1.81 -2.70 21.39
CA ILE A 124 0.55 -3.28 20.89
C ILE A 124 -0.30 -3.71 22.05
N ALA A 125 0.27 -4.36 23.07
CA ALA A 125 -0.53 -4.68 24.27
C ALA A 125 -1.22 -3.43 24.81
N ALA A 126 -0.50 -2.35 24.95
CA ALA A 126 -1.02 -1.15 25.61
C ALA A 126 -1.93 -0.41 24.66
N THR A 127 -1.70 -0.40 23.37
CA THR A 127 -2.55 0.35 22.45
C THR A 127 -3.87 -0.37 22.23
N MET A 128 -3.81 -1.67 21.94
CA MET A 128 -5.02 -2.43 21.64
C MET A 128 -5.73 -2.77 22.96
N GLY A 129 -5.02 -2.89 24.07
CA GLY A 129 -5.63 -3.34 25.33
C GLY A 129 -5.82 -4.84 25.33
N VAL A 130 -4.75 -5.58 24.97
CA VAL A 130 -4.84 -7.04 24.70
C VAL A 130 -3.59 -7.71 25.32
N SER A 131 -3.73 -9.01 25.59
CA SER A 131 -2.60 -9.86 26.00
CA SER A 131 -2.60 -9.86 26.00
C SER A 131 -1.76 -10.17 24.76
N VAL A 132 -0.46 -9.93 24.87
CA VAL A 132 0.51 -10.28 23.81
C VAL A 132 1.49 -11.28 24.40
N VAL A 133 1.56 -12.46 23.77
CA VAL A 133 2.50 -13.52 24.18
C VAL A 133 3.68 -13.46 23.22
N THR A 134 4.79 -12.97 23.66
CA THR A 134 5.98 -12.81 22.81
C THR A 134 6.90 -14.02 22.97
N VAL A 135 7.30 -14.64 21.87
CA VAL A 135 7.92 -15.97 21.89
C VAL A 135 9.43 -15.86 21.91
N ASP A 136 10.06 -16.58 22.86
CA ASP A 136 11.54 -16.58 22.90
C ASP A 136 12.01 -17.76 22.06
N TYR A 137 11.88 -17.62 20.74
CA TYR A 137 12.19 -18.71 19.79
C TYR A 137 13.71 -18.88 19.63
N ARG A 138 14.05 -20.09 19.17
CA ARG A 138 15.45 -20.46 18.88
C ARG A 138 16.04 -19.64 17.75
N LEU A 139 17.23 -19.13 17.98
CA LEU A 139 17.89 -18.17 17.09
C LEU A 139 18.99 -18.84 16.28
N ALA A 140 19.30 -18.23 15.16
CA ALA A 140 20.49 -18.56 14.35
C ALA A 140 21.68 -17.84 14.95
N PRO A 141 22.95 -18.26 14.68
CA PRO A 141 23.24 -19.44 13.85
C PRO A 141 23.20 -20.79 14.59
N GLU A 142 22.94 -20.81 15.88
CA GLU A 142 22.92 -22.08 16.68
C GLU A 142 21.78 -22.98 16.25
N ASN A 143 20.68 -22.38 15.80
CA ASN A 143 19.50 -23.10 15.34
C ASN A 143 19.21 -22.62 13.91
N ARG A 144 18.50 -23.44 13.18
CA ARG A 144 18.19 -23.15 11.77
C ARG A 144 16.71 -23.42 11.53
N TYR A 145 16.22 -22.87 10.41
CA TYR A 145 14.87 -23.17 9.89
C TYR A 145 14.65 -24.68 9.96
N PRO A 146 13.49 -25.21 10.39
CA PRO A 146 12.30 -24.47 10.82
C PRO A 146 12.17 -24.29 12.35
N ALA A 147 13.27 -24.17 13.05
CA ALA A 147 13.24 -24.12 14.54
C ALA A 147 12.26 -23.04 15.03
N ALA A 148 12.33 -21.85 14.48
CA ALA A 148 11.46 -20.76 14.99
C ALA A 148 9.99 -21.04 14.67
N SER A 149 9.67 -21.63 13.51
CA SER A 149 8.32 -22.09 13.17
C SER A 149 7.81 -23.09 14.20
N GLU A 150 8.65 -24.05 14.55
CA GLU A 150 8.24 -25.08 15.53
C GLU A 150 7.88 -24.42 16.88
N ASP A 151 8.71 -23.45 17.27
CA ASP A 151 8.58 -22.76 18.56
C ASP A 151 7.28 -21.96 18.59
N VAL A 152 7.05 -21.18 17.53
CA VAL A 152 5.82 -20.37 17.48
C VAL A 152 4.60 -21.29 17.41
N THR A 153 4.66 -22.43 16.66
CA THR A 153 3.51 -23.33 16.52
C THR A 153 3.21 -23.99 17.88
N ALA A 154 4.25 -24.29 18.63
CA ALA A 154 4.06 -24.91 19.98
C ALA A 154 3.30 -23.94 20.90
N VAL A 155 3.66 -22.66 20.83
CA VAL A 155 2.98 -21.62 21.63
C VAL A 155 1.53 -21.52 21.18
N TYR A 156 1.32 -21.44 19.84
CA TYR A 156 -0.03 -21.38 19.28
C TYR A 156 -0.92 -22.54 19.75
N ARG A 157 -0.36 -23.75 19.66
CA ARG A 157 -1.07 -24.97 20.11
C ARG A 157 -1.50 -24.83 21.59
N ALA A 158 -0.60 -24.31 22.42
CA ALA A 158 -0.96 -24.07 23.84
C ALA A 158 -2.08 -23.06 24.00
N LEU A 159 -2.04 -21.96 23.24
CA LEU A 159 -3.06 -20.91 23.38
C LEU A 159 -4.45 -21.38 22.89
N LEU A 160 -4.49 -22.29 21.93
CA LEU A 160 -5.78 -22.87 21.47
C LEU A 160 -6.52 -23.59 22.58
N GLU A 161 -5.83 -23.92 23.69
CA GLU A 161 -6.53 -24.50 24.87
C GLU A 161 -7.48 -23.49 25.52
N ARG A 162 -7.25 -22.18 25.34
CA ARG A 162 -7.95 -21.09 26.03
C ARG A 162 -8.65 -20.19 25.02
N TYR A 163 -8.16 -20.07 23.77
CA TYR A 163 -8.71 -19.06 22.84
C TYR A 163 -9.11 -19.72 21.55
N PRO A 164 -10.27 -19.37 20.98
CA PRO A 164 -10.61 -19.82 19.62
C PRO A 164 -9.51 -19.40 18.63
N ALA A 165 -9.17 -20.24 17.68
CA ALA A 165 -8.20 -19.93 16.59
C ALA A 165 -8.61 -18.60 15.92
N ALA A 166 -9.89 -18.35 15.68
CA ALA A 166 -10.35 -17.10 15.02
C ALA A 166 -10.00 -15.85 15.82
N ASN A 167 -9.73 -16.02 17.12
CA ASN A 167 -9.49 -14.90 18.06
C ASN A 167 -8.01 -14.75 18.37
N ILE A 168 -7.15 -15.52 17.69
CA ILE A 168 -5.69 -15.47 17.89
C ILE A 168 -5.08 -14.76 16.68
N GLY A 169 -4.28 -13.72 16.96
CA GLY A 169 -3.48 -13.10 15.92
C GLY A 169 -2.02 -13.37 16.15
N ILE A 170 -1.21 -13.37 15.11
CA ILE A 170 0.26 -13.51 15.16
C ILE A 170 0.86 -12.33 14.46
N PHE A 171 1.82 -11.66 15.01
CA PHE A 171 2.50 -10.56 14.31
C PHE A 171 3.97 -10.50 14.70
N GLY A 172 4.77 -9.95 13.82
CA GLY A 172 6.18 -9.72 14.08
C GLY A 172 6.77 -8.74 13.10
N THR A 173 7.92 -8.18 13.42
CA THR A 173 8.58 -7.14 12.61
C THR A 173 9.87 -7.73 12.05
N SER A 174 10.15 -7.40 10.81
CA SER A 174 11.47 -7.69 10.16
C SER A 174 11.62 -9.23 10.12
N ALA A 175 12.70 -9.79 10.71
CA ALA A 175 12.84 -11.26 10.82
C ALA A 175 11.58 -11.90 11.39
N GLY A 176 10.92 -11.20 12.35
CA GLY A 176 9.69 -11.67 13.00
C GLY A 176 8.52 -11.72 12.06
N GLY A 177 8.45 -10.80 11.09
CA GLY A 177 7.43 -10.86 10.04
C GLY A 177 7.62 -12.06 9.12
N VAL A 178 8.89 -12.35 8.81
CA VAL A 178 9.24 -13.57 8.00
C VAL A 178 8.81 -14.81 8.77
N ILE A 179 9.21 -14.89 10.05
CA ILE A 179 8.88 -16.08 10.87
C ILE A 179 7.37 -16.20 11.08
N THR A 180 6.64 -15.07 11.20
CA THR A 180 5.18 -15.10 11.32
C THR A 180 4.59 -15.81 10.12
N ALA A 181 5.00 -15.45 8.91
CA ALA A 181 4.46 -16.09 7.69
C ALA A 181 4.87 -17.57 7.65
N GLN A 182 6.07 -17.87 8.08
CA GLN A 182 6.53 -19.30 8.13
C GLN A 182 5.76 -20.08 9.20
N ALA A 183 5.45 -19.46 10.32
CA ALA A 183 4.70 -20.14 11.38
C ALA A 183 3.32 -20.52 10.85
N VAL A 184 2.67 -19.69 10.04
CA VAL A 184 1.35 -20.00 9.46
C VAL A 184 1.44 -21.30 8.68
N THR A 185 2.47 -21.45 7.86
CA THR A 185 2.54 -22.68 7.03
C THR A 185 2.86 -23.87 7.92
N TRP A 186 3.63 -23.66 8.96
CA TRP A 186 3.95 -24.78 9.91
C TRP A 186 2.70 -25.20 10.67
N ILE A 187 1.87 -24.26 11.11
CA ILE A 187 0.60 -24.54 11.74
C ILE A 187 -0.25 -25.39 10.83
N ARG A 188 -0.30 -25.07 9.53
CA ARG A 188 -1.12 -25.88 8.59
C ARG A 188 -0.52 -27.30 8.43
N ARG A 189 0.78 -27.38 8.39
CA ARG A 189 1.50 -28.69 8.32
C ARG A 189 1.09 -29.54 9.53
N GLU A 190 0.87 -28.91 10.68
CA GLU A 190 0.58 -29.69 11.92
C GLU A 190 -0.86 -30.10 11.99
N GLY A 191 -1.73 -29.68 11.07
CA GLY A 191 -3.16 -29.94 11.08
C GLY A 191 -3.92 -29.11 12.05
N LEU A 192 -3.35 -27.95 12.47
CA LEU A 192 -4.10 -27.06 13.39
C LEU A 192 -4.89 -26.04 12.58
N PRO A 193 -5.94 -25.43 13.16
CA PRO A 193 -6.70 -24.40 12.51
C PRO A 193 -5.85 -23.15 12.31
N ARG A 194 -6.05 -22.45 11.19
CA ARG A 194 -5.20 -21.27 10.95
C ARG A 194 -5.64 -20.17 11.92
N PRO A 195 -4.70 -19.26 12.22
CA PRO A 195 -4.99 -18.13 13.08
C PRO A 195 -5.99 -17.19 12.43
N GLY A 196 -6.65 -16.40 13.23
CA GLY A 196 -7.61 -15.41 12.79
C GLY A 196 -7.03 -14.35 11.87
N ALA A 197 -5.82 -13.87 12.16
CA ALA A 197 -5.20 -12.79 11.39
C ALA A 197 -3.70 -12.77 11.68
N ILE A 198 -2.93 -12.19 10.82
CA ILE A 198 -1.50 -11.97 11.05
C ILE A 198 -1.06 -10.58 10.66
N GLY A 199 0.05 -10.19 11.23
CA GLY A 199 0.76 -8.97 10.86
C GLY A 199 2.18 -9.29 10.46
N THR A 200 2.50 -9.12 9.18
CA THR A 200 3.86 -9.36 8.64
C THR A 200 4.45 -7.99 8.38
N LEU A 201 5.13 -7.42 9.37
CA LEU A 201 5.50 -5.99 9.40
C LEU A 201 6.98 -5.90 9.02
N SER A 202 7.27 -5.10 8.01
CA SER A 202 8.64 -4.91 7.52
C SER A 202 9.28 -6.26 7.15
N GLY A 203 8.51 -7.24 6.74
CA GLY A 203 9.01 -8.58 6.35
C GLY A 203 7.94 -9.58 6.22
N THR A 204 8.10 -10.54 5.32
CA THR A 204 7.12 -11.63 5.19
C THR A 204 7.87 -12.84 4.62
N GLY A 205 7.11 -13.86 4.24
CA GLY A 205 7.71 -15.13 3.76
C GLY A 205 8.15 -15.04 2.29
N ALA A 206 9.12 -14.23 2.02
CA ALA A 206 9.56 -13.85 0.66
C ALA A 206 10.91 -13.20 0.79
N PRO A 207 11.75 -13.34 -0.26
CA PRO A 207 12.98 -12.58 -0.27
C PRO A 207 12.68 -11.08 -0.43
N TYR A 208 13.64 -10.25 -0.11
CA TYR A 208 13.55 -8.83 -0.48
C TYR A 208 13.76 -8.78 -1.97
N SER A 209 13.04 -7.85 -2.61
CA SER A 209 12.93 -7.80 -4.06
C SER A 209 12.65 -6.38 -4.53
N GLY A 210 12.62 -6.21 -5.83
CA GLY A 210 12.18 -4.93 -6.43
C GLY A 210 13.13 -3.78 -6.13
N ASP A 211 12.63 -2.54 -6.13
CA ASP A 211 13.45 -1.32 -6.08
C ASP A 211 13.95 -0.98 -4.68
N SER A 212 13.14 -1.21 -3.63
CA SER A 212 13.42 -0.67 -2.30
C SER A 212 14.77 -1.11 -1.71
N PRO A 213 15.33 -2.33 -2.01
CA PRO A 213 16.63 -2.68 -1.41
C PRO A 213 17.75 -1.74 -1.94
N TYR A 214 17.59 -1.30 -3.16
CA TYR A 214 18.57 -0.35 -3.76
C TYR A 214 18.38 1.03 -3.15
N LEU A 215 17.14 1.52 -3.07
CA LEU A 215 16.90 2.87 -2.52
C LEU A 215 17.31 2.95 -1.05
N ALA A 216 17.15 1.86 -0.30
CA ALA A 216 17.55 1.81 1.14
C ALA A 216 19.06 1.62 1.31
N GLY A 217 19.80 1.29 0.27
CA GLY A 217 21.27 1.14 0.35
C GLY A 217 21.70 -0.21 0.91
N VAL A 218 20.81 -1.19 1.01
CA VAL A 218 21.16 -2.62 1.32
C VAL A 218 22.19 -3.09 0.32
N VAL A 219 22.01 -2.66 -0.92
CA VAL A 219 22.90 -2.94 -2.07
C VAL A 219 23.32 -1.59 -2.62
N PRO A 220 24.64 -1.35 -2.83
CA PRO A 220 25.15 -0.12 -3.42
C PRO A 220 24.64 0.11 -4.85
N VAL A 221 24.32 1.36 -5.16
CA VAL A 221 23.85 1.85 -6.49
C VAL A 221 24.35 3.28 -6.62
N GLY A 222 24.49 3.77 -7.84
CA GLY A 222 24.87 5.17 -8.11
C GLY A 222 26.08 5.28 -9.04
N PRO A 223 26.51 6.53 -9.36
CA PRO A 223 27.66 6.77 -10.22
C PRO A 223 28.87 5.94 -9.79
N GLY A 224 29.52 5.28 -10.77
CA GLY A 224 30.79 4.57 -10.57
C GLY A 224 30.61 3.25 -9.80
N VAL A 225 29.36 2.84 -9.51
CA VAL A 225 29.03 1.55 -8.82
C VAL A 225 28.20 0.68 -9.78
N LYS A 226 28.52 -0.62 -9.84
CA LYS A 226 27.74 -1.61 -10.63
C LYS A 226 26.75 -2.26 -9.65
N ALA A 227 25.47 -1.87 -9.74
CA ALA A 227 24.35 -2.47 -8.97
C ALA A 227 24.13 -3.92 -9.39
N PRO A 228 24.28 -4.85 -8.45
CA PRO A 228 24.05 -6.25 -8.76
C PRO A 228 22.58 -6.62 -8.73
N PRO A 229 22.19 -7.76 -9.34
CA PRO A 229 20.87 -8.34 -9.14
C PRO A 229 20.71 -8.66 -7.64
N LEU A 230 19.45 -8.83 -7.23
CA LEU A 230 19.12 -9.22 -5.84
C LEU A 230 18.98 -10.73 -5.72
N PRO A 231 19.21 -11.27 -4.54
CA PRO A 231 19.02 -12.70 -4.31
C PRO A 231 17.57 -13.13 -4.28
N GLY A 232 17.33 -14.36 -4.68
CA GLY A 232 15.99 -14.98 -4.62
C GLY A 232 15.71 -15.68 -3.29
N LEU A 233 16.64 -15.70 -2.39
CA LEU A 233 16.52 -16.32 -1.04
C LEU A 233 16.87 -15.24 -0.03
N LEU A 234 16.43 -15.39 1.21
CA LEU A 234 16.93 -14.51 2.28
C LEU A 234 18.34 -14.95 2.66
N PRO A 235 19.32 -14.02 2.72
CA PRO A 235 20.72 -14.38 2.94
C PRO A 235 21.11 -14.86 4.35
C PRO A 235 21.01 -14.33 4.44
N THR A 236 20.17 -14.93 5.24
CA THR A 236 20.45 -15.16 6.67
C THR A 236 20.96 -16.61 6.85
N ALA A 237 21.84 -16.81 7.84
CA ALA A 237 22.24 -18.15 8.31
C ALA A 237 21.03 -18.99 8.69
N TYR A 238 19.97 -18.35 9.20
CA TYR A 238 18.78 -19.12 9.62
C TYR A 238 18.21 -19.97 8.49
N MET A 239 18.30 -19.41 7.26
CA MET A 239 17.70 -19.99 6.04
C MET A 239 18.76 -20.71 5.17
N GLU A 240 19.99 -20.90 5.66
CA GLU A 240 21.08 -21.57 4.90
C GLU A 240 20.57 -22.92 4.40
N GLY A 241 20.79 -23.20 3.11
CA GLY A 241 20.42 -24.47 2.48
C GLY A 241 18.93 -24.72 2.30
N VAL A 242 18.03 -23.78 2.62
CA VAL A 242 16.59 -23.98 2.32
C VAL A 242 16.33 -23.53 0.90
N GLY A 243 15.59 -24.32 0.13
CA GLY A 243 15.39 -24.00 -1.29
C GLY A 243 14.35 -22.92 -1.46
N ALA A 244 14.42 -22.19 -2.57
CA ALA A 244 13.39 -21.21 -3.00
C ALA A 244 12.06 -21.89 -3.22
N ASP A 245 12.08 -23.17 -3.58
CA ASP A 245 10.86 -23.94 -3.89
C ASP A 245 10.21 -24.50 -2.61
N ASP A 246 10.76 -24.24 -1.42
CA ASP A 246 10.10 -24.64 -0.15
C ASP A 246 9.00 -23.61 0.13
N ALA A 247 7.78 -23.93 -0.21
CA ALA A 247 6.61 -23.04 -0.09
C ALA A 247 6.31 -22.82 1.40
N ARG A 248 6.73 -23.69 2.31
CA ARG A 248 6.54 -23.39 3.74
C ARG A 248 7.50 -22.31 4.19
N ALA A 249 8.70 -22.28 3.62
CA ALA A 249 9.75 -21.31 3.97
C ALA A 249 9.44 -19.97 3.29
N TYR A 250 8.92 -20.00 2.06
CA TYR A 250 8.70 -18.78 1.24
C TYR A 250 7.27 -18.74 0.77
N PRO A 251 6.27 -18.71 1.67
CA PRO A 251 4.91 -18.88 1.25
C PRO A 251 4.38 -17.78 0.34
N LEU A 252 4.90 -16.55 0.51
CA LEU A 252 4.33 -15.42 -0.27
C LEU A 252 4.91 -15.40 -1.69
N THR A 253 5.72 -16.39 -2.04
CA THR A 253 6.20 -16.60 -3.43
C THR A 253 5.44 -17.76 -4.07
N SER A 254 4.57 -18.45 -3.34
CA SER A 254 3.86 -19.71 -3.73
C SER A 254 2.37 -19.38 -3.85
N ASP A 255 1.78 -19.57 -5.02
CA ASP A 255 0.33 -19.30 -5.20
C ASP A 255 -0.46 -20.25 -4.29
N ALA A 256 0.01 -21.47 -4.06
CA ALA A 256 -0.68 -22.46 -3.18
C ALA A 256 -0.68 -21.98 -1.72
N GLU A 257 0.49 -21.71 -1.12
CA GLU A 257 0.53 -21.32 0.30
C GLU A 257 -0.23 -19.97 0.43
N THR A 258 -0.16 -19.10 -0.58
CA THR A 258 -0.79 -17.76 -0.42
C THR A 258 -2.31 -17.88 -0.30
N VAL A 259 -2.97 -18.78 -1.03
CA VAL A 259 -4.44 -18.91 -0.96
C VAL A 259 -4.92 -19.34 0.44
N PHE A 260 -4.07 -20.05 1.20
CA PHE A 260 -4.41 -20.51 2.55
C PHE A 260 -4.03 -19.50 3.63
N MET A 261 -3.48 -18.34 3.27
CA MET A 261 -3.07 -17.38 4.31
C MET A 261 -4.32 -16.83 4.97
N PRO A 262 -4.23 -16.53 6.29
CA PRO A 262 -5.27 -15.76 6.95
C PRO A 262 -5.21 -14.30 6.56
N PRO A 263 -6.24 -13.52 6.94
CA PRO A 263 -6.19 -12.06 6.81
C PRO A 263 -4.86 -11.51 7.30
N THR A 264 -4.23 -10.66 6.50
CA THR A 264 -2.84 -10.20 6.68
C THR A 264 -2.75 -8.67 6.67
N LEU A 265 -2.06 -8.10 7.65
CA LEU A 265 -1.63 -6.69 7.63
C LEU A 265 -0.16 -6.66 7.24
N LEU A 266 0.16 -5.86 6.25
CA LEU A 266 1.53 -5.61 5.82
C LEU A 266 1.81 -4.13 6.10
N LEU A 267 2.81 -3.81 6.87
CA LEU A 267 3.09 -2.40 7.21
C LEU A 267 4.60 -2.20 7.04
N ALA A 268 4.96 -1.11 6.46
CA ALA A 268 6.40 -0.80 6.21
C ALA A 268 6.64 0.68 6.22
N GLY A 269 7.89 1.04 6.48
CA GLY A 269 8.29 2.40 6.14
C GLY A 269 8.36 2.58 4.64
N GLY A 270 8.21 3.83 4.14
CA GLY A 270 8.36 4.08 2.73
C GLY A 270 9.78 3.93 2.21
N ARG A 271 10.75 4.12 3.10
CA ARG A 271 12.18 3.96 2.79
C ARG A 271 12.70 2.61 3.30
N ASP A 272 11.83 1.69 3.55
CA ASP A 272 12.16 0.38 4.18
C ASP A 272 12.59 -0.58 3.07
N PHE A 273 13.72 -1.27 3.20
CA PHE A 273 14.16 -2.17 2.13
C PHE A 273 13.14 -3.26 1.82
N ALA A 274 12.22 -3.54 2.74
CA ALA A 274 11.22 -4.62 2.56
C ALA A 274 9.99 -4.16 1.78
N VAL A 275 9.84 -2.86 1.54
CA VAL A 275 8.54 -2.33 1.08
C VAL A 275 8.14 -2.88 -0.30
N SER A 276 9.09 -3.04 -1.24
CA SER A 276 8.76 -3.53 -2.59
C SER A 276 8.21 -4.96 -2.47
N ALA A 277 8.87 -5.76 -1.64
CA ALA A 277 8.42 -7.16 -1.44
C ALA A 277 7.01 -7.17 -0.80
N LEU A 278 6.72 -6.24 0.12
CA LEU A 278 5.40 -6.25 0.78
C LEU A 278 4.34 -5.80 -0.20
N SER A 279 4.61 -4.85 -1.10
CA SER A 279 3.59 -4.44 -2.07
C SER A 279 3.25 -5.59 -3.02
N LEU A 280 4.25 -6.39 -3.37
CA LEU A 280 4.00 -7.59 -4.22
C LEU A 280 3.22 -8.63 -3.46
N ALA A 281 3.58 -8.86 -2.20
CA ALA A 281 2.85 -9.87 -1.40
C ALA A 281 1.39 -9.46 -1.28
N HIS A 282 1.13 -8.18 -1.08
CA HIS A 282 -0.25 -7.65 -0.99
C HIS A 282 -1.01 -7.88 -2.30
N ARG A 283 -0.39 -7.61 -3.44
CA ARG A 283 -1.01 -7.92 -4.76
C ARG A 283 -1.33 -9.42 -4.85
N ARG A 284 -0.41 -10.26 -4.40
CA ARG A 284 -0.65 -11.71 -4.52
C ARG A 284 -1.78 -12.19 -3.59
N LEU A 285 -1.84 -11.64 -2.38
CA LEU A 285 -2.92 -11.97 -1.44
C LEU A 285 -4.22 -11.51 -2.04
N ALA A 286 -4.31 -10.28 -2.57
CA ALA A 286 -5.56 -9.79 -3.12
C ALA A 286 -6.02 -10.68 -4.30
N ARG A 287 -5.12 -11.10 -5.16
CA ARG A 287 -5.49 -11.97 -6.33
C ARG A 287 -5.98 -13.31 -5.77
N ALA A 288 -5.42 -13.81 -4.68
CA ALA A 288 -5.83 -15.09 -4.06
C ALA A 288 -7.11 -14.94 -3.26
N GLY A 289 -7.70 -13.76 -3.17
CA GLY A 289 -8.91 -13.51 -2.41
C GLY A 289 -8.73 -13.49 -0.91
N VAL A 290 -7.51 -13.26 -0.46
CA VAL A 290 -7.25 -13.14 1.00
C VAL A 290 -7.41 -11.71 1.40
N ASP A 291 -8.06 -11.49 2.50
CA ASP A 291 -8.21 -10.16 3.08
C ASP A 291 -6.83 -9.65 3.49
N SER A 292 -6.32 -8.60 2.91
CA SER A 292 -5.04 -8.03 3.29
C SER A 292 -5.16 -6.52 3.26
N GLU A 293 -4.28 -5.88 4.02
CA GLU A 293 -4.23 -4.43 4.17
C GLU A 293 -2.75 -4.08 4.16
N LEU A 294 -2.39 -3.07 3.39
CA LEU A 294 -1.02 -2.56 3.25
C LEU A 294 -0.98 -1.10 3.71
N HIS A 295 -0.03 -0.73 4.56
CA HIS A 295 0.23 0.69 4.89
C HIS A 295 1.71 0.96 4.77
N LEU A 296 1.99 2.13 4.20
CA LEU A 296 3.37 2.61 4.03
C LEU A 296 3.47 3.98 4.67
N PHE A 297 4.55 4.19 5.41
CA PHE A 297 4.77 5.46 6.10
C PHE A 297 5.91 6.19 5.40
N ASP A 298 5.54 7.13 4.55
CA ASP A 298 6.55 7.79 3.67
C ASP A 298 7.68 8.36 4.50
N GLY A 299 8.90 8.13 4.02
CA GLY A 299 10.10 8.73 4.63
C GLY A 299 10.72 7.96 5.77
N LEU A 300 10.08 6.89 6.25
CA LEU A 300 10.56 6.17 7.43
C LEU A 300 11.21 4.85 7.02
N PRO A 301 12.16 4.38 7.82
CA PRO A 301 12.93 3.18 7.49
C PRO A 301 12.27 1.92 8.00
N HIS A 302 13.00 0.83 7.78
CA HIS A 302 12.66 -0.52 8.28
C HIS A 302 12.33 -0.48 9.77
N ALA A 303 11.24 -1.13 10.18
CA ALA A 303 10.95 -1.37 11.60
C ALA A 303 10.98 -0.03 12.37
N PHE A 304 10.43 1.04 11.78
CA PHE A 304 10.55 2.39 12.39
C PHE A 304 9.87 2.43 13.75
N PHE A 305 8.85 1.60 13.95
CA PHE A 305 7.96 1.74 15.11
C PHE A 305 8.51 0.99 16.33
N VAL A 306 9.78 0.60 16.31
CA VAL A 306 10.47 0.33 17.59
C VAL A 306 10.90 1.59 18.32
N TRP A 307 10.71 2.76 17.73
CA TRP A 307 10.98 4.09 18.30
C TRP A 307 9.62 4.70 18.60
N PRO A 308 9.18 4.71 19.86
CA PRO A 308 7.81 5.18 20.12
C PRO A 308 7.61 6.69 20.16
N ASP A 309 8.70 7.47 20.16
CA ASP A 309 8.58 8.93 20.42
C ASP A 309 8.28 9.72 19.17
N MET A 310 7.24 9.31 18.44
CA MET A 310 6.78 10.12 17.29
C MET A 310 5.34 9.73 17.01
N PRO A 311 4.52 10.69 16.53
CA PRO A 311 3.12 10.38 16.25
C PRO A 311 3.00 9.23 15.25
N GLU A 312 3.94 9.13 14.34
CA GLU A 312 3.84 8.09 13.30
C GLU A 312 3.90 6.71 13.93
N SER A 313 4.70 6.50 14.95
CA SER A 313 4.74 5.19 15.64
C SER A 313 3.38 4.93 16.31
N LEU A 314 2.84 5.91 17.05
CA LEU A 314 1.54 5.73 17.69
C LEU A 314 0.51 5.40 16.61
N GLU A 315 0.58 6.03 15.46
CA GLU A 315 -0.35 5.82 14.34
C GLU A 315 -0.19 4.36 13.88
N ALA A 316 1.03 3.88 13.72
CA ALA A 316 1.25 2.51 13.31
C ALA A 316 0.65 1.54 14.33
N TYR A 317 0.85 1.80 15.62
CA TYR A 317 0.30 0.92 16.66
C TYR A 317 -1.23 0.90 16.53
N ALA A 318 -1.82 2.06 16.24
CA ALA A 318 -3.29 2.15 16.10
C ALA A 318 -3.72 1.34 14.85
N LEU A 319 -2.96 1.33 13.77
CA LEU A 319 -3.36 0.56 12.56
C LEU A 319 -3.24 -0.92 12.89
N ILE A 320 -2.19 -1.32 13.62
CA ILE A 320 -2.02 -2.75 13.99
C ILE A 320 -3.20 -3.14 14.88
N ALA A 321 -3.50 -2.36 15.92
CA ALA A 321 -4.62 -2.65 16.85
C ALA A 321 -5.92 -2.66 16.06
N GLY A 322 -6.12 -1.76 15.12
CA GLY A 322 -7.40 -1.69 14.40
C GLY A 322 -7.57 -2.85 13.46
N PHE A 323 -6.50 -3.33 12.86
CA PHE A 323 -6.56 -4.50 11.98
C PHE A 323 -6.93 -5.72 12.78
N PHE A 324 -6.28 -5.97 13.92
CA PHE A 324 -6.66 -7.14 14.73
C PHE A 324 -8.08 -6.95 15.29
N ASP A 325 -8.43 -5.74 15.66
CA ASP A 325 -9.77 -5.50 16.27
C ASP A 325 -10.87 -5.81 15.24
N SER A 326 -10.62 -5.55 13.95
CA SER A 326 -11.62 -5.74 12.88
C SER A 326 -11.61 -7.15 12.34
N ARG A 327 -10.52 -7.88 12.44
CA ARG A 327 -10.43 -9.21 11.81
C ARG A 327 -10.59 -10.32 12.84
N LEU A 328 -10.16 -10.17 14.10
CA LEU A 328 -10.24 -11.28 15.07
C LEU A 328 -11.68 -11.47 15.55
N GLY A 329 -12.05 -12.71 15.81
CA GLY A 329 -13.35 -12.99 16.45
C GLY A 329 -13.43 -12.50 17.90
N LEU A 330 -14.65 -12.50 18.43
CA LEU A 330 -14.99 -11.91 19.77
C LEU A 330 -15.53 -12.99 20.70
N THR A 331 -15.99 -14.10 20.16
CA THR A 331 -16.79 -15.14 20.88
C THR A 331 -15.88 -15.93 21.81
N PRO A 332 -16.33 -16.35 23.02
CA PRO A 332 -15.44 -17.04 23.97
C PRO A 332 -14.99 -18.46 23.62
N LEU B 14 17.19 9.98 -10.80
CA LEU B 14 17.61 9.22 -9.58
C LEU B 14 17.38 7.72 -9.81
N MET B 15 16.21 7.34 -10.32
CA MET B 15 15.81 5.94 -10.52
C MET B 15 16.60 5.29 -11.66
N SER B 16 17.22 6.08 -12.55
CA SER B 16 17.94 5.61 -13.76
C SER B 16 19.21 4.84 -13.35
N TRP B 17 19.67 5.00 -12.10
CA TRP B 17 20.79 4.25 -11.50
C TRP B 17 20.37 2.82 -11.12
N LEU B 18 19.05 2.56 -11.01
CA LEU B 18 18.57 1.21 -10.61
C LEU B 18 18.35 0.38 -11.87
N PRO B 19 18.48 -0.96 -11.75
CA PRO B 19 17.94 -1.83 -12.74
C PRO B 19 16.42 -1.76 -12.74
N PRO B 20 15.79 -2.28 -13.77
CA PRO B 20 14.34 -2.42 -13.77
C PRO B 20 13.98 -3.25 -12.52
N SER B 21 12.82 -3.01 -11.90
CA SER B 21 12.43 -3.87 -10.76
C SER B 21 12.44 -5.34 -11.18
N ASN B 22 13.07 -6.17 -10.34
CA ASN B 22 13.16 -7.61 -10.67
C ASN B 22 11.81 -8.32 -10.48
N GLN B 23 10.76 -7.62 -10.04
CA GLN B 23 9.40 -8.17 -10.00
C GLN B 23 8.72 -8.19 -11.36
N LEU B 24 9.23 -7.42 -12.33
CA LEU B 24 8.49 -7.17 -13.55
C LEU B 24 8.56 -8.32 -14.56
N SER B 25 7.46 -8.54 -15.26
CA SER B 25 7.36 -9.49 -16.40
C SER B 25 8.28 -8.98 -17.51
N PRO B 26 8.69 -9.87 -18.42
CA PRO B 26 9.41 -9.41 -19.61
C PRO B 26 8.62 -8.41 -20.42
N GLU B 27 7.30 -8.61 -20.49
CA GLU B 27 6.42 -7.70 -21.23
C GLU B 27 6.49 -6.30 -20.60
N ALA B 28 6.43 -6.20 -19.27
CA ALA B 28 6.52 -4.87 -18.63
C ALA B 28 7.87 -4.23 -18.91
N ARG B 29 8.95 -5.01 -18.91
CA ARG B 29 10.27 -4.41 -19.14
C ARG B 29 10.30 -3.82 -20.56
N SER B 30 9.63 -4.47 -21.51
CA SER B 30 9.55 -3.93 -22.89
C SER B 30 8.73 -2.65 -22.89
N VAL B 31 7.61 -2.66 -22.17
CA VAL B 31 6.75 -1.46 -22.11
C VAL B 31 7.60 -0.30 -21.56
N LEU B 32 8.36 -0.52 -20.50
CA LEU B 32 9.09 0.58 -19.85
C LEU B 32 10.04 1.18 -20.87
N ASP B 33 10.68 0.36 -21.70
CA ASP B 33 11.61 0.96 -22.71
C ASP B 33 10.82 1.78 -23.73
N ARG B 34 9.65 1.31 -24.14
CA ARG B 34 8.79 2.02 -25.11
C ARG B 34 8.25 3.30 -24.44
N MET B 35 7.89 3.23 -23.16
CA MET B 35 7.40 4.45 -22.44
C MET B 35 8.46 5.55 -22.50
N ASP B 36 9.72 5.19 -22.19
CA ASP B 36 10.84 6.16 -22.17
C ASP B 36 11.04 6.68 -23.61
N ALA B 37 10.98 5.81 -24.60
CA ALA B 37 11.26 6.23 -26.01
C ALA B 37 10.12 7.13 -26.49
N ALA B 38 8.90 6.98 -25.96
CA ALA B 38 7.68 7.68 -26.41
C ALA B 38 7.57 9.04 -25.68
N LYS B 39 8.54 9.42 -24.85
CA LYS B 39 8.44 10.63 -24.00
C LYS B 39 8.28 11.85 -24.92
N ALA B 40 7.46 12.83 -24.50
CA ALA B 40 7.20 14.04 -25.31
C ALA B 40 8.46 14.90 -25.41
N PRO B 41 8.64 15.62 -26.54
CA PRO B 41 9.65 16.68 -26.62
C PRO B 41 9.12 17.89 -25.82
N GLU B 42 9.87 19.00 -25.73
CA GLU B 42 9.39 20.19 -24.97
C GLU B 42 8.44 20.98 -25.88
N PHE B 43 7.31 21.44 -25.36
CA PHE B 43 6.30 22.15 -26.19
C PHE B 43 6.34 23.67 -25.96
N ASN B 44 6.95 24.10 -24.87
CA ASN B 44 7.18 25.54 -24.64
C ASN B 44 5.88 26.36 -24.70
N GLY B 45 4.77 25.89 -24.15
CA GLY B 45 3.50 26.64 -24.12
C GLY B 45 2.70 26.52 -25.40
N ASP B 46 3.17 25.70 -26.34
CA ASP B 46 2.41 25.46 -27.58
C ASP B 46 1.37 24.38 -27.26
N LEU B 47 0.24 24.80 -26.74
CA LEU B 47 -0.84 23.91 -26.27
C LEU B 47 -1.36 23.11 -27.45
N VAL B 48 -1.46 23.73 -28.64
CA VAL B 48 -2.04 23.03 -29.81
C VAL B 48 -1.10 21.88 -30.17
N ARG B 49 0.20 22.07 -30.18
CA ARG B 49 1.17 21.00 -30.50
C ARG B 49 1.11 19.94 -29.37
N GLN B 50 0.96 20.40 -28.13
CA GLN B 50 0.93 19.47 -26.97
C GLN B 50 -0.29 18.58 -27.10
N ARG B 51 -1.44 19.16 -27.34
CA ARG B 51 -2.70 18.41 -27.47
C ARG B 51 -2.54 17.47 -28.65
N ALA B 52 -1.93 17.88 -29.76
CA ALA B 52 -1.80 16.94 -30.90
C ALA B 52 -0.93 15.77 -30.53
N PHE B 53 0.14 15.96 -29.78
CA PHE B 53 1.06 14.89 -29.34
C PHE B 53 0.29 13.90 -28.47
N TYR B 54 -0.52 14.38 -27.54
CA TYR B 54 -1.22 13.46 -26.61
C TYR B 54 -2.45 12.85 -27.28
N GLN B 55 -3.04 13.52 -28.28
CA GLN B 55 -4.07 12.89 -29.11
C GLN B 55 -3.45 11.65 -29.77
N GLN B 56 -2.25 11.77 -30.33
CA GLN B 56 -1.58 10.63 -31.00
C GLN B 56 -1.25 9.55 -29.97
N PHE B 57 -0.75 9.94 -28.80
CA PHE B 57 -0.40 9.00 -27.72
C PHE B 57 -1.67 8.21 -27.36
N ASN B 58 -2.78 8.86 -27.13
CA ASN B 58 -4.03 8.22 -26.67
C ASN B 58 -4.57 7.38 -27.81
N ASP B 59 -4.42 7.82 -29.05
CA ASP B 59 -4.88 6.98 -30.18
C ASP B 59 -4.05 5.73 -30.25
N ASP B 60 -2.75 5.80 -30.00
CA ASP B 60 -1.83 4.66 -30.03
C ASP B 60 -2.23 3.65 -28.93
N ARG B 61 -2.47 4.15 -27.73
CA ARG B 61 -2.90 3.25 -26.62
C ARG B 61 -4.28 2.66 -26.96
N LEU B 62 -5.17 3.38 -27.62
CA LEU B 62 -6.52 2.88 -27.94
C LEU B 62 -6.38 1.70 -28.92
N VAL B 63 -5.48 1.81 -29.89
CA VAL B 63 -5.23 0.70 -30.83
C VAL B 63 -4.85 -0.53 -30.02
N GLU B 64 -3.98 -0.36 -29.02
CA GLU B 64 -3.50 -1.49 -28.19
C GLU B 64 -4.69 -2.03 -27.41
N MET B 65 -5.55 -1.19 -26.88
CA MET B 65 -6.73 -1.63 -26.10
C MET B 65 -7.64 -2.47 -26.99
N ARG B 66 -7.85 -2.05 -28.25
CA ARG B 66 -8.84 -2.75 -29.10
CA ARG B 66 -8.84 -2.74 -29.12
C ARG B 66 -8.28 -4.08 -29.56
N ARG B 67 -6.98 -4.29 -29.48
CA ARG B 67 -6.38 -5.63 -29.77
C ARG B 67 -6.72 -6.60 -28.64
N VAL B 68 -6.80 -6.10 -27.40
CA VAL B 68 -6.87 -6.95 -26.19
C VAL B 68 -8.33 -7.12 -25.82
N PHE B 69 -9.16 -6.09 -25.90
CA PHE B 69 -10.52 -6.06 -25.36
C PHE B 69 -11.58 -5.84 -26.40
N ARG B 70 -12.75 -6.44 -26.24
CA ARG B 70 -13.87 -6.32 -27.17
C ARG B 70 -14.96 -5.53 -26.48
N THR B 71 -15.17 -4.29 -26.89
CA THR B 71 -16.18 -3.40 -26.29
C THR B 71 -17.00 -2.72 -27.40
N ARG B 72 -18.12 -2.18 -27.00
CA ARG B 72 -18.93 -1.28 -27.85
C ARG B 72 -19.03 0.06 -27.14
N GLU B 73 -18.97 1.16 -27.89
CA GLU B 73 -19.05 2.51 -27.29
C GLU B 73 -20.19 3.28 -27.95
N ARG B 74 -20.99 4.00 -27.16
CA ARG B 74 -22.00 4.93 -27.72
C ARG B 74 -21.75 6.31 -27.09
N HIS B 75 -21.99 7.36 -27.87
CA HIS B 75 -22.10 8.73 -27.33
C HIS B 75 -23.46 8.99 -26.72
N GLU B 76 -23.49 9.75 -25.67
CA GLU B 76 -24.73 10.14 -25.02
C GLU B 76 -24.47 11.53 -24.44
N THR B 77 -25.54 12.14 -24.03
CA THR B 77 -25.54 13.43 -23.31
C THR B 77 -26.36 13.15 -22.06
N LEU B 78 -25.79 13.44 -20.88
CA LEU B 78 -26.54 13.34 -19.63
C LEU B 78 -26.48 14.69 -18.92
N ASN B 79 -27.63 15.29 -18.62
CA ASN B 79 -27.69 16.61 -17.97
C ASN B 79 -26.71 17.55 -18.64
N ALA B 80 -26.73 17.62 -19.99
CA ALA B 80 -25.98 18.58 -20.81
C ALA B 80 -24.49 18.30 -20.81
N VAL B 81 -24.07 17.11 -20.35
CA VAL B 81 -22.65 16.72 -20.41
C VAL B 81 -22.48 15.57 -21.41
N HIS B 82 -21.52 15.68 -22.26
CA HIS B 82 -21.16 14.64 -23.24
C HIS B 82 -20.48 13.47 -22.50
N VAL B 83 -20.96 12.27 -22.75
CA VAL B 83 -20.33 11.04 -22.20
C VAL B 83 -20.13 10.04 -23.32
N GLN B 84 -19.24 9.08 -23.13
CA GLN B 84 -19.22 7.87 -23.95
C GLN B 84 -19.61 6.73 -23.03
N VAL B 85 -20.51 5.87 -23.45
CA VAL B 85 -20.97 4.72 -22.66
C VAL B 85 -20.27 3.52 -23.26
N VAL B 86 -19.46 2.86 -22.45
CA VAL B 86 -18.55 1.77 -22.90
C VAL B 86 -19.04 0.48 -22.26
N GLU B 87 -19.35 -0.53 -23.07
CA GLU B 87 -19.82 -1.82 -22.54
C GLU B 87 -19.04 -2.94 -23.17
N PRO B 88 -18.93 -4.08 -22.47
CA PRO B 88 -18.35 -5.24 -23.14
C PRO B 88 -19.19 -5.58 -24.38
N ALA B 89 -18.53 -6.00 -25.44
CA ALA B 89 -19.21 -6.45 -26.66
C ALA B 89 -20.10 -7.66 -26.31
N ASP B 90 -19.71 -8.44 -25.32
CA ASP B 90 -20.52 -9.62 -24.93
C ASP B 90 -21.78 -9.21 -24.19
N GLY B 91 -21.82 -7.99 -23.68
CA GLY B 91 -22.90 -7.56 -22.78
C GLY B 91 -22.44 -7.54 -21.32
N VAL B 92 -23.15 -6.79 -20.50
CA VAL B 92 -22.82 -6.72 -19.06
C VAL B 92 -23.26 -8.01 -18.45
N SER B 93 -22.55 -8.42 -17.41
CA SER B 93 -22.89 -9.66 -16.68
C SER B 93 -24.20 -9.44 -15.91
N ALA B 94 -24.92 -10.51 -15.59
CA ALA B 94 -26.17 -10.37 -14.81
C ALA B 94 -25.84 -9.73 -13.46
N ARG B 95 -24.70 -10.05 -12.90
CA ARG B 95 -24.24 -9.50 -11.61
C ARG B 95 -24.18 -7.96 -11.66
N ASN B 96 -23.84 -7.41 -12.81
CA ASN B 96 -23.61 -5.95 -12.99
C ASN B 96 -24.76 -5.25 -13.72
N ARG B 97 -25.92 -5.87 -13.88
CA ARG B 97 -27.04 -5.24 -14.62
C ARG B 97 -27.47 -3.94 -13.93
N ASP B 98 -27.37 -3.87 -12.59
CA ASP B 98 -27.88 -2.71 -11.83
C ASP B 98 -26.71 -1.91 -11.23
N ARG B 99 -25.55 -2.02 -11.85
CA ARG B 99 -24.36 -1.22 -11.46
C ARG B 99 -23.93 -0.35 -12.63
N VAL B 100 -23.19 0.69 -12.33
CA VAL B 100 -22.53 1.48 -13.41
C VAL B 100 -21.29 2.14 -12.81
N LEU B 101 -20.26 2.29 -13.62
CA LEU B 101 -19.09 3.06 -13.24
C LEU B 101 -19.07 4.36 -14.04
N ILE B 102 -18.67 5.42 -13.39
CA ILE B 102 -18.32 6.69 -14.06
C ILE B 102 -16.81 6.75 -14.16
N ASN B 103 -16.25 6.95 -15.35
CA ASN B 103 -14.81 7.17 -15.52
C ASN B 103 -14.57 8.66 -15.72
N VAL B 104 -13.52 9.16 -15.11
CA VAL B 104 -13.01 10.54 -15.24
C VAL B 104 -11.60 10.38 -15.78
N HIS B 105 -11.37 10.74 -17.05
CA HIS B 105 -10.07 10.53 -17.69
C HIS B 105 -8.99 11.45 -17.11
N GLY B 106 -7.78 11.01 -17.25
CA GLY B 106 -6.59 11.83 -17.01
C GLY B 106 -6.13 12.55 -18.24
N GLY B 107 -4.97 13.14 -18.15
CA GLY B 107 -4.45 14.02 -19.23
C GLY B 107 -4.11 15.37 -18.70
N ALA B 108 -3.60 15.49 -17.49
CA ALA B 108 -2.96 16.71 -16.95
C ALA B 108 -4.00 17.83 -16.91
N PHE B 109 -5.28 17.54 -16.83
CA PHE B 109 -6.38 18.51 -16.76
C PHE B 109 -6.53 19.29 -18.10
N MET B 110 -5.78 18.94 -19.14
CA MET B 110 -5.74 19.77 -20.38
C MET B 110 -6.01 18.94 -21.61
N TRP B 111 -5.94 17.61 -21.58
CA TRP B 111 -6.17 16.76 -22.77
C TRP B 111 -6.73 15.43 -22.30
N GLY B 112 -6.78 14.46 -23.18
CA GLY B 112 -7.34 13.13 -22.87
C GLY B 112 -8.77 12.92 -23.28
N ALA B 113 -9.46 13.93 -23.84
CA ALA B 113 -10.85 13.82 -24.25
C ALA B 113 -10.95 12.84 -25.44
N GLY B 114 -11.95 11.98 -25.42
CA GLY B 114 -12.22 11.04 -26.53
C GLY B 114 -11.35 9.80 -26.35
N SER B 115 -10.31 9.60 -27.13
CA SER B 115 -9.55 8.32 -27.07
C SER B 115 -8.94 8.12 -25.68
N GLY B 116 -8.43 9.15 -25.00
CA GLY B 116 -7.86 8.95 -23.64
C GLY B 116 -8.91 8.46 -22.68
N ALA B 117 -10.13 8.93 -22.80
CA ALA B 117 -11.26 8.47 -21.96
C ALA B 117 -11.54 6.98 -22.29
N LEU B 118 -11.59 6.62 -23.56
CA LEU B 118 -11.82 5.18 -23.91
C LEU B 118 -10.67 4.33 -23.41
N VAL B 119 -9.45 4.78 -23.43
CA VAL B 119 -8.27 4.02 -22.96
C VAL B 119 -8.49 3.67 -21.47
N GLU B 120 -9.10 4.54 -20.70
CA GLU B 120 -9.36 4.19 -19.26
C GLU B 120 -10.62 3.35 -19.10
N ALA B 121 -11.66 3.57 -19.87
CA ALA B 121 -12.97 2.92 -19.72
C ALA B 121 -12.95 1.49 -20.26
N ILE B 122 -12.36 1.28 -21.43
CA ILE B 122 -12.45 -0.05 -22.13
C ILE B 122 -11.97 -1.17 -21.21
N PRO B 123 -10.75 -1.12 -20.67
CA PRO B 123 -10.24 -2.30 -19.94
C PRO B 123 -11.13 -2.60 -18.73
N ILE B 124 -11.70 -1.60 -18.09
CA ILE B 124 -12.51 -1.85 -16.89
C ILE B 124 -13.87 -2.38 -17.30
N ALA B 125 -14.52 -1.81 -18.33
CA ALA B 125 -15.80 -2.34 -18.82
C ALA B 125 -15.63 -3.81 -19.19
N ALA B 126 -14.57 -4.13 -19.90
CA ALA B 126 -14.38 -5.50 -20.43
C ALA B 126 -14.00 -6.40 -19.27
N THR B 127 -13.13 -5.98 -18.35
CA THR B 127 -12.64 -6.88 -17.28
C THR B 127 -13.73 -7.15 -16.26
N MET B 128 -14.40 -6.11 -15.79
CA MET B 128 -15.47 -6.26 -14.78
C MET B 128 -16.72 -6.79 -15.45
N GLY B 129 -16.98 -6.51 -16.72
CA GLY B 129 -18.25 -6.85 -17.38
C GLY B 129 -19.35 -5.90 -16.95
N VAL B 130 -19.08 -4.60 -17.09
CA VAL B 130 -19.94 -3.52 -16.54
C VAL B 130 -20.01 -2.35 -17.55
N SER B 131 -21.08 -1.58 -17.45
CA SER B 131 -21.21 -0.32 -18.22
C SER B 131 -20.33 0.75 -17.55
N VAL B 132 -19.52 1.41 -18.35
CA VAL B 132 -18.65 2.53 -17.91
C VAL B 132 -19.07 3.78 -18.68
N VAL B 133 -19.46 4.80 -17.93
CA VAL B 133 -19.83 6.12 -18.50
C VAL B 133 -18.63 7.05 -18.36
N THR B 134 -17.89 7.34 -19.41
CA THR B 134 -16.69 8.17 -19.34
C THR B 134 -17.06 9.61 -19.67
N VAL B 135 -16.72 10.55 -18.81
CA VAL B 135 -17.25 11.93 -18.88
C VAL B 135 -16.31 12.83 -19.66
N ASP B 136 -16.91 13.55 -20.64
CA ASP B 136 -16.11 14.52 -21.43
C ASP B 136 -16.17 15.86 -20.72
N TYR B 137 -15.45 15.98 -19.61
CA TYR B 137 -15.55 17.15 -18.72
C TYR B 137 -14.77 18.32 -19.34
N ARG B 138 -15.12 19.52 -18.85
CA ARG B 138 -14.42 20.76 -19.26
C ARG B 138 -12.95 20.78 -18.87
N LEU B 139 -12.09 21.12 -19.79
CA LEU B 139 -10.63 21.09 -19.60
C LEU B 139 -10.02 22.46 -19.32
N ALA B 140 -8.90 22.46 -18.64
CA ALA B 140 -8.01 23.62 -18.52
C ALA B 140 -7.21 23.72 -19.82
N PRO B 141 -6.61 24.88 -20.16
CA PRO B 141 -6.76 26.12 -19.41
C PRO B 141 -8.03 26.93 -19.71
N GLU B 142 -8.87 26.53 -20.65
CA GLU B 142 -10.11 27.26 -21.01
C GLU B 142 -11.07 27.29 -19.82
N ASN B 143 -11.07 26.24 -19.01
CA ASN B 143 -12.00 26.11 -17.85
C ASN B 143 -11.16 25.80 -16.61
N ARG B 144 -11.75 26.14 -15.49
CA ARG B 144 -11.05 26.07 -14.18
C ARG B 144 -11.91 25.37 -13.16
N TYR B 145 -11.28 24.90 -12.10
CA TYR B 145 -11.97 24.34 -10.94
C TYR B 145 -13.12 25.27 -10.59
N PRO B 146 -14.33 24.79 -10.27
CA PRO B 146 -14.74 23.39 -10.16
C PRO B 146 -15.45 22.83 -11.38
N ALA B 147 -15.13 23.34 -12.55
CA ALA B 147 -15.86 22.96 -13.79
C ALA B 147 -15.94 21.42 -13.92
N ALA B 148 -14.83 20.69 -13.75
CA ALA B 148 -14.89 19.22 -13.96
C ALA B 148 -15.73 18.57 -12.86
N SER B 149 -15.69 19.07 -11.63
CA SER B 149 -16.58 18.56 -10.55
C SER B 149 -18.05 18.74 -10.94
N GLU B 150 -18.40 19.91 -11.49
CA GLU B 150 -19.79 20.15 -11.90
C GLU B 150 -20.22 19.15 -12.95
N ASP B 151 -19.34 18.90 -13.90
CA ASP B 151 -19.64 18.02 -15.07
C ASP B 151 -19.85 16.62 -14.53
N VAL B 152 -18.90 16.11 -13.71
CA VAL B 152 -19.06 14.72 -13.22
C VAL B 152 -20.32 14.61 -12.33
N THR B 153 -20.63 15.62 -11.53
CA THR B 153 -21.79 15.60 -10.63
C THR B 153 -23.06 15.59 -11.47
N ALA B 154 -23.08 16.33 -12.58
CA ALA B 154 -24.27 16.34 -13.45
C ALA B 154 -24.53 14.93 -14.02
N VAL B 155 -23.46 14.26 -14.43
CA VAL B 155 -23.57 12.87 -14.98
C VAL B 155 -24.08 11.97 -13.85
N TYR B 156 -23.49 12.09 -12.66
CA TYR B 156 -23.89 11.28 -11.49
C TYR B 156 -25.37 11.46 -11.17
N ARG B 157 -25.84 12.71 -11.16
CA ARG B 157 -27.27 13.04 -10.89
C ARG B 157 -28.16 12.33 -11.91
N ALA B 158 -27.77 12.31 -13.18
CA ALA B 158 -28.55 11.63 -14.24
C ALA B 158 -28.60 10.13 -13.98
N LEU B 159 -27.46 9.53 -13.62
CA LEU B 159 -27.43 8.09 -13.40
C LEU B 159 -28.23 7.67 -12.16
N LEU B 160 -28.37 8.51 -11.16
CA LEU B 160 -29.25 8.23 -10.00
C LEU B 160 -30.72 8.04 -10.39
N GLU B 161 -31.12 8.50 -11.58
CA GLU B 161 -32.49 8.16 -12.07
C GLU B 161 -32.66 6.67 -12.35
N ARG B 162 -31.57 5.95 -12.63
CA ARG B 162 -31.59 4.55 -13.11
C ARG B 162 -30.90 3.62 -12.11
N TYR B 163 -29.94 4.12 -11.32
CA TYR B 163 -29.13 3.20 -10.48
C TYR B 163 -29.11 3.72 -9.05
N PRO B 164 -29.24 2.84 -8.04
CA PRO B 164 -29.04 3.26 -6.66
C PRO B 164 -27.62 3.82 -6.46
N ALA B 165 -27.49 4.85 -5.62
CA ALA B 165 -26.19 5.50 -5.33
C ALA B 165 -25.17 4.41 -4.90
N ALA B 166 -25.58 3.47 -4.06
CA ALA B 166 -24.70 2.39 -3.57
C ALA B 166 -24.15 1.51 -4.66
N ASN B 167 -24.74 1.56 -5.87
CA ASN B 167 -24.38 0.70 -7.00
C ASN B 167 -23.60 1.47 -8.07
N ILE B 168 -23.26 2.74 -7.78
CA ILE B 168 -22.50 3.61 -8.69
C ILE B 168 -21.06 3.76 -8.15
N GLY B 169 -20.12 3.48 -9.01
CA GLY B 169 -18.71 3.76 -8.69
C GLY B 169 -18.20 4.89 -9.53
N ILE B 170 -17.16 5.57 -9.09
CA ILE B 170 -16.51 6.64 -9.88
C ILE B 170 -15.03 6.36 -9.84
N PHE B 171 -14.33 6.31 -10.97
CA PHE B 171 -12.88 6.16 -10.93
C PHE B 171 -12.19 6.99 -11.99
N GLY B 172 -10.95 7.30 -11.75
CA GLY B 172 -10.15 8.04 -12.76
C GLY B 172 -8.70 7.93 -12.45
N THR B 173 -7.85 8.20 -13.42
CA THR B 173 -6.40 8.05 -13.31
C THR B 173 -5.77 9.44 -13.41
N SER B 174 -4.76 9.66 -12.61
CA SER B 174 -3.90 10.85 -12.69
C SER B 174 -4.76 12.08 -12.41
N ALA B 175 -4.87 13.05 -13.32
CA ALA B 175 -5.80 14.18 -13.14
C ALA B 175 -7.23 13.68 -12.85
N GLY B 176 -7.62 12.56 -13.48
CA GLY B 176 -8.94 11.97 -13.29
C GLY B 176 -9.12 11.45 -11.86
N GLY B 177 -8.04 10.96 -11.23
CA GLY B 177 -8.16 10.54 -9.82
C GLY B 177 -8.35 11.74 -8.89
N VAL B 178 -7.72 12.86 -9.22
CA VAL B 178 -7.90 14.14 -8.49
C VAL B 178 -9.36 14.55 -8.66
N ILE B 179 -9.84 14.61 -9.91
CA ILE B 179 -11.21 15.07 -10.16
C ILE B 179 -12.23 14.12 -9.53
N THR B 180 -11.96 12.83 -9.51
CA THR B 180 -12.90 11.89 -8.87
C THR B 180 -13.07 12.27 -7.41
N ALA B 181 -11.96 12.57 -6.72
CA ALA B 181 -12.07 12.94 -5.28
C ALA B 181 -12.80 14.27 -5.13
N GLN B 182 -12.55 15.20 -6.06
CA GLN B 182 -13.24 16.50 -5.98
C GLN B 182 -14.73 16.35 -6.31
N ALA B 183 -15.07 15.47 -7.23
CA ALA B 183 -16.46 15.22 -7.62
C ALA B 183 -17.22 14.71 -6.40
N VAL B 184 -16.61 13.86 -5.58
CA VAL B 184 -17.26 13.34 -4.37
C VAL B 184 -17.69 14.52 -3.46
N THR B 185 -16.85 15.50 -3.26
CA THR B 185 -17.20 16.60 -2.35
C THR B 185 -18.25 17.50 -2.99
N TRP B 186 -18.21 17.63 -4.31
CA TRP B 186 -19.23 18.42 -5.04
C TRP B 186 -20.59 17.74 -4.99
N ILE B 187 -20.63 16.43 -5.10
CA ILE B 187 -21.86 15.63 -4.95
C ILE B 187 -22.42 15.89 -3.56
N ARG B 188 -21.58 15.88 -2.53
CA ARG B 188 -22.05 16.11 -1.17
C ARG B 188 -22.57 17.55 -1.01
N ARG B 189 -21.90 18.50 -1.64
CA ARG B 189 -22.30 19.94 -1.59
C ARG B 189 -23.70 20.05 -2.20
N GLU B 190 -23.98 19.30 -3.22
CA GLU B 190 -25.29 19.36 -3.93
C GLU B 190 -26.40 18.68 -3.12
N GLY B 191 -26.08 17.92 -2.08
CA GLY B 191 -27.10 17.21 -1.30
C GLY B 191 -27.44 15.87 -1.88
N LEU B 192 -26.62 15.31 -2.77
CA LEU B 192 -26.90 14.01 -3.39
C LEU B 192 -26.30 12.91 -2.50
N PRO B 193 -26.86 11.68 -2.52
CA PRO B 193 -26.25 10.55 -1.83
C PRO B 193 -24.85 10.24 -2.38
N ARG B 194 -23.93 9.92 -1.52
CA ARG B 194 -22.57 9.62 -1.97
C ARG B 194 -22.55 8.33 -2.80
N PRO B 195 -21.57 8.20 -3.70
CA PRO B 195 -21.42 7.02 -4.52
C PRO B 195 -21.00 5.82 -3.66
N GLY B 196 -21.27 4.63 -4.16
CA GLY B 196 -20.93 3.40 -3.47
C GLY B 196 -19.42 3.22 -3.26
N ALA B 197 -18.62 3.62 -4.21
CA ALA B 197 -17.17 3.39 -4.15
C ALA B 197 -16.46 4.25 -5.16
N ILE B 198 -15.22 4.57 -4.91
CA ILE B 198 -14.41 5.33 -5.88
C ILE B 198 -13.06 4.67 -6.05
N GLY B 199 -12.44 4.99 -7.16
CA GLY B 199 -11.04 4.68 -7.47
C GLY B 199 -10.26 5.92 -7.76
N THR B 200 -9.33 6.27 -6.92
CA THR B 200 -8.46 7.45 -7.10
C THR B 200 -7.09 6.91 -7.47
N LEU B 201 -6.85 6.72 -8.77
CA LEU B 201 -5.72 5.97 -9.28
C LEU B 201 -4.62 6.93 -9.74
N SER B 202 -3.44 6.82 -9.23
CA SER B 202 -2.29 7.69 -9.59
C SER B 202 -2.65 9.13 -9.29
N GLY B 203 -3.51 9.41 -8.32
CA GLY B 203 -3.86 10.80 -7.97
C GLY B 203 -5.12 10.84 -7.14
N THR B 204 -5.21 11.82 -6.27
CA THR B 204 -6.40 12.05 -5.43
C THR B 204 -6.51 13.52 -5.10
N GLY B 205 -7.43 13.83 -4.21
CA GLY B 205 -7.68 15.24 -3.81
C GLY B 205 -6.67 15.78 -2.83
N ALA B 206 -5.42 15.88 -3.24
CA ALA B 206 -4.29 16.27 -2.40
C ALA B 206 -3.15 16.67 -3.30
N PRO B 207 -2.25 17.56 -2.82
CA PRO B 207 -1.05 17.85 -3.61
C PRO B 207 -0.14 16.64 -3.63
N TYR B 208 0.81 16.64 -4.55
CA TYR B 208 1.89 15.62 -4.46
C TYR B 208 2.75 16.04 -3.30
N SER B 209 3.28 15.07 -2.60
CA SER B 209 4.02 15.29 -1.35
C SER B 209 5.02 14.15 -1.14
N GLY B 210 5.79 14.24 -0.06
CA GLY B 210 6.69 13.16 0.34
C GLY B 210 7.82 12.91 -0.63
N ASP B 211 8.34 11.70 -0.64
CA ASP B 211 9.59 11.36 -1.36
C ASP B 211 9.37 11.18 -2.84
N SER B 212 8.26 10.58 -3.28
CA SER B 212 8.10 10.10 -4.66
C SER B 212 8.26 11.18 -5.73
N PRO B 213 7.87 12.46 -5.51
CA PRO B 213 8.06 13.45 -6.58
C PRO B 213 9.56 13.70 -6.80
N TYR B 214 10.38 13.55 -5.79
CA TYR B 214 11.87 13.68 -5.94
C TYR B 214 12.36 12.49 -6.71
N LEU B 215 11.97 11.28 -6.29
CA LEU B 215 12.48 10.05 -6.92
C LEU B 215 12.09 10.01 -8.41
N ALA B 216 10.91 10.51 -8.78
CA ALA B 216 10.43 10.49 -10.18
C ALA B 216 11.02 11.67 -10.98
N GLY B 217 11.69 12.64 -10.34
CA GLY B 217 12.33 13.78 -11.01
C GLY B 217 11.38 14.91 -11.39
N VAL B 218 10.14 14.91 -10.87
CA VAL B 218 9.17 16.04 -10.97
C VAL B 218 9.84 17.28 -10.42
N VAL B 219 10.61 17.11 -9.36
CA VAL B 219 11.47 18.19 -8.79
C VAL B 219 12.90 17.68 -8.84
N PRO B 220 13.82 18.42 -9.50
CA PRO B 220 15.20 17.97 -9.68
C PRO B 220 15.96 17.92 -8.35
N VAL B 221 16.79 16.88 -8.18
CA VAL B 221 17.58 16.62 -6.94
C VAL B 221 18.87 15.92 -7.37
N GLY B 222 19.84 15.75 -6.47
CA GLY B 222 21.01 14.89 -6.69
C GLY B 222 22.31 15.58 -6.29
N PRO B 223 23.48 14.99 -6.64
CA PRO B 223 24.79 15.59 -6.31
C PRO B 223 24.87 17.06 -6.70
N GLY B 224 25.31 17.92 -5.78
CA GLY B 224 25.57 19.35 -5.99
C GLY B 224 24.31 20.16 -6.27
N VAL B 225 23.13 19.56 -6.14
CA VAL B 225 21.81 20.15 -6.53
C VAL B 225 20.96 20.33 -5.27
N LYS B 226 20.46 21.55 -5.09
CA LYS B 226 19.77 22.05 -3.88
C LYS B 226 18.28 21.78 -4.05
N ALA B 227 17.75 20.74 -3.38
CA ALA B 227 16.36 20.27 -3.54
C ALA B 227 15.43 21.27 -2.86
N PRO B 228 14.51 21.89 -3.60
CA PRO B 228 13.52 22.78 -3.02
C PRO B 228 12.41 22.00 -2.33
N PRO B 229 11.70 22.65 -1.37
CA PRO B 229 10.51 22.08 -0.77
C PRO B 229 9.49 21.88 -1.90
N LEU B 230 8.51 21.01 -1.66
CA LEU B 230 7.46 20.75 -2.65
C LEU B 230 6.34 21.74 -2.39
N PRO B 231 5.57 22.11 -3.42
CA PRO B 231 4.37 22.92 -3.19
C PRO B 231 3.25 22.16 -2.45
N GLY B 232 2.48 22.88 -1.66
CA GLY B 232 1.31 22.38 -0.96
C GLY B 232 0.05 22.46 -1.77
N LEU B 233 0.14 22.79 -3.07
CA LEU B 233 -0.96 22.94 -4.04
C LEU B 233 -0.61 22.14 -5.27
N LEU B 234 -1.60 21.70 -6.03
CA LEU B 234 -1.28 21.13 -7.37
C LEU B 234 -0.96 22.28 -8.30
N PRO B 235 0.12 22.17 -9.10
CA PRO B 235 0.57 23.31 -9.91
C PRO B 235 -0.29 23.56 -11.15
N THR B 236 -1.16 22.64 -11.53
CA THR B 236 -1.94 22.77 -12.76
C THR B 236 -2.71 24.11 -12.81
N ALA B 237 -2.81 24.69 -13.99
CA ALA B 237 -3.66 25.87 -14.22
C ALA B 237 -5.11 25.62 -13.78
N TYR B 238 -5.58 24.38 -13.88
CA TYR B 238 -6.96 24.04 -13.47
C TYR B 238 -7.24 24.49 -12.04
N MET B 239 -6.22 24.39 -11.20
CA MET B 239 -6.29 24.63 -9.74
C MET B 239 -5.70 25.98 -9.34
N GLU B 240 -5.32 26.82 -10.29
CA GLU B 240 -4.60 28.06 -9.91
C GLU B 240 -5.57 28.94 -9.12
N GLY B 241 -5.06 29.56 -8.08
CA GLY B 241 -5.87 30.44 -7.21
C GLY B 241 -6.77 29.71 -6.23
N VAL B 242 -6.91 28.38 -6.29
CA VAL B 242 -7.64 27.64 -5.23
C VAL B 242 -6.76 27.48 -3.99
N GLY B 243 -7.28 27.82 -2.82
CA GLY B 243 -6.41 27.72 -1.64
C GLY B 243 -6.24 26.29 -1.16
N ALA B 244 -5.16 26.03 -0.44
CA ALA B 244 -4.87 24.72 0.21
C ALA B 244 -5.96 24.41 1.24
N ASP B 245 -6.61 25.43 1.78
CA ASP B 245 -7.66 25.29 2.83
C ASP B 245 -9.03 24.96 2.24
N ASP B 246 -9.18 24.82 0.92
CA ASP B 246 -10.50 24.55 0.32
C ASP B 246 -10.68 23.02 0.40
N ALA B 247 -11.46 22.58 1.36
CA ALA B 247 -11.63 21.14 1.66
C ALA B 247 -12.33 20.44 0.51
N ARG B 248 -13.12 21.17 -0.28
CA ARG B 248 -13.81 20.53 -1.43
C ARG B 248 -12.80 20.26 -2.55
N ALA B 249 -11.76 21.10 -2.65
CA ALA B 249 -10.75 21.01 -3.71
C ALA B 249 -9.68 20.00 -3.29
N TYR B 250 -9.34 19.95 -2.01
CA TYR B 250 -8.26 19.09 -1.48
C TYR B 250 -8.78 18.20 -0.35
N PRO B 251 -9.80 17.36 -0.64
CA PRO B 251 -10.48 16.66 0.45
C PRO B 251 -9.59 15.71 1.22
N LEU B 252 -8.56 15.13 0.65
CA LEU B 252 -7.75 14.11 1.35
C LEU B 252 -6.74 14.78 2.27
N THR B 253 -6.81 16.12 2.37
CA THR B 253 -6.08 16.90 3.38
C THR B 253 -7.08 17.41 4.43
N SER B 254 -8.39 17.18 4.28
CA SER B 254 -9.51 17.67 5.15
C SER B 254 -10.01 16.49 5.98
N ASP B 255 -9.99 16.55 7.33
CA ASP B 255 -10.54 15.45 8.15
C ASP B 255 -12.05 15.35 7.87
N ALA B 256 -12.73 16.46 7.67
CA ALA B 256 -14.20 16.39 7.46
C ALA B 256 -14.50 15.68 6.14
N GLU B 257 -13.92 16.16 5.02
CA GLU B 257 -14.29 15.51 3.74
C GLU B 257 -13.75 14.08 3.72
N THR B 258 -12.65 13.78 4.38
CA THR B 258 -12.08 12.41 4.38
C THR B 258 -13.05 11.46 5.09
N VAL B 259 -13.65 11.88 6.22
CA VAL B 259 -14.60 11.04 6.96
C VAL B 259 -15.79 10.69 6.05
N PHE B 260 -16.22 11.60 5.16
CA PHE B 260 -17.40 11.39 4.30
C PHE B 260 -17.04 10.62 3.02
N MET B 261 -15.78 10.30 2.78
CA MET B 261 -15.43 9.57 1.55
C MET B 261 -16.10 8.22 1.52
N PRO B 262 -16.56 7.80 0.34
CA PRO B 262 -16.95 6.42 0.16
C PRO B 262 -15.76 5.48 0.18
N PRO B 263 -15.99 4.16 0.26
CA PRO B 263 -14.90 3.18 0.08
C PRO B 263 -14.05 3.54 -1.13
N THR B 264 -12.72 3.53 -0.93
CA THR B 264 -11.75 4.04 -1.89
C THR B 264 -10.69 3.02 -2.26
N LEU B 265 -10.42 2.86 -3.54
CA LEU B 265 -9.24 2.14 -4.04
C LEU B 265 -8.20 3.16 -4.44
N LEU B 266 -6.99 3.03 -3.97
CA LEU B 266 -5.85 3.87 -4.34
C LEU B 266 -4.83 2.94 -5.00
N LEU B 267 -4.48 3.17 -6.25
CA LEU B 267 -3.57 2.30 -7.00
C LEU B 267 -2.53 3.19 -7.64
N ALA B 268 -1.28 2.78 -7.57
CA ALA B 268 -0.20 3.54 -8.20
C ALA B 268 0.92 2.64 -8.67
N GLY B 269 1.73 3.12 -9.58
CA GLY B 269 3.03 2.50 -9.78
C GLY B 269 3.96 2.79 -8.63
N GLY B 270 4.96 1.92 -8.39
CA GLY B 270 5.94 2.16 -7.34
C GLY B 270 6.85 3.32 -7.63
N ARG B 271 7.08 3.60 -8.90
CA ARG B 271 7.91 4.74 -9.36
C ARG B 271 7.04 5.92 -9.82
N ASP B 272 5.83 5.98 -9.31
CA ASP B 272 4.83 6.99 -9.68
C ASP B 272 4.97 8.19 -8.76
N PHE B 273 5.09 9.41 -9.28
CA PHE B 273 5.32 10.58 -8.43
C PHE B 273 4.18 10.75 -7.42
N ALA B 274 3.01 10.16 -7.69
CA ALA B 274 1.81 10.32 -6.80
C ALA B 274 1.85 9.35 -5.59
N VAL B 275 2.77 8.40 -5.56
CA VAL B 275 2.62 7.22 -4.65
C VAL B 275 2.77 7.70 -3.20
N SER B 276 3.67 8.60 -2.84
CA SER B 276 3.81 9.05 -1.44
C SER B 276 2.50 9.70 -0.97
N ALA B 277 1.92 10.57 -1.81
CA ALA B 277 0.64 11.18 -1.44
C ALA B 277 -0.46 10.11 -1.26
N LEU B 278 -0.49 9.11 -2.10
CA LEU B 278 -1.53 8.06 -1.98
C LEU B 278 -1.34 7.22 -0.71
N SER B 279 -0.11 6.93 -0.31
CA SER B 279 0.08 6.20 0.93
C SER B 279 -0.39 7.01 2.12
N LEU B 280 -0.18 8.33 2.15
CA LEU B 280 -0.68 9.18 3.21
C LEU B 280 -2.19 9.23 3.17
N ALA B 281 -2.79 9.39 2.00
CA ALA B 281 -4.25 9.43 1.90
C ALA B 281 -4.85 8.14 2.48
N HIS B 282 -4.26 6.99 2.17
CA HIS B 282 -4.74 5.70 2.70
C HIS B 282 -4.61 5.64 4.22
N ARG B 283 -3.52 6.12 4.79
CA ARG B 283 -3.41 6.24 6.26
C ARG B 283 -4.54 7.13 6.82
N ARG B 284 -4.84 8.24 6.17
CA ARG B 284 -5.88 9.17 6.67
C ARG B 284 -7.26 8.53 6.57
N LEU B 285 -7.54 7.86 5.46
CA LEU B 285 -8.85 7.16 5.28
C LEU B 285 -8.99 6.11 6.35
N ALA B 286 -7.93 5.34 6.64
CA ALA B 286 -8.02 4.26 7.65
C ALA B 286 -8.29 4.89 9.01
N ARG B 287 -7.60 5.96 9.36
CA ARG B 287 -7.83 6.64 10.67
C ARG B 287 -9.27 7.15 10.71
N ALA B 288 -9.83 7.61 9.61
CA ALA B 288 -11.20 8.16 9.57
C ALA B 288 -12.25 7.04 9.55
N GLY B 289 -11.85 5.80 9.53
CA GLY B 289 -12.80 4.68 9.51
C GLY B 289 -13.39 4.42 8.16
N VAL B 290 -12.77 4.89 7.10
CA VAL B 290 -13.26 4.64 5.73
C VAL B 290 -12.62 3.38 5.21
N ASP B 291 -13.40 2.54 4.56
CA ASP B 291 -12.87 1.34 3.87
C ASP B 291 -11.99 1.77 2.71
N SER B 292 -10.72 1.57 2.76
CA SER B 292 -9.81 1.88 1.63
C SER B 292 -8.84 0.74 1.39
N GLU B 293 -8.34 0.68 0.18
CA GLU B 293 -7.42 -0.39 -0.28
C GLU B 293 -6.35 0.31 -1.08
N LEU B 294 -5.08 0.01 -0.86
CA LEU B 294 -3.92 0.61 -1.55
C LEU B 294 -3.17 -0.52 -2.25
N HIS B 295 -2.85 -0.34 -3.52
CA HIS B 295 -1.92 -1.24 -4.21
C HIS B 295 -0.84 -0.47 -4.91
N LEU B 296 0.36 -1.00 -4.87
CA LEU B 296 1.52 -0.39 -5.52
C LEU B 296 2.16 -1.45 -6.40
N PHE B 297 2.46 -1.09 -7.64
CA PHE B 297 3.11 -2.01 -8.59
C PHE B 297 4.57 -1.63 -8.71
N ASP B 298 5.45 -2.33 -8.02
CA ASP B 298 6.86 -1.92 -7.93
C ASP B 298 7.45 -1.80 -9.34
N GLY B 299 8.21 -0.71 -9.53
CA GLY B 299 9.00 -0.49 -10.77
C GLY B 299 8.25 0.23 -11.87
N LEU B 300 6.94 0.44 -11.74
CA LEU B 300 6.10 0.97 -12.82
C LEU B 300 5.80 2.43 -12.54
N PRO B 301 5.59 3.18 -13.62
CA PRO B 301 5.41 4.63 -13.52
C PRO B 301 3.96 5.03 -13.30
N HIS B 302 3.78 6.34 -13.24
CA HIS B 302 2.47 6.98 -13.18
C HIS B 302 1.52 6.42 -14.25
N ALA B 303 0.29 6.09 -13.90
CA ALA B 303 -0.76 5.74 -14.88
C ALA B 303 -0.26 4.64 -15.80
N PHE B 304 0.44 3.66 -15.28
CA PHE B 304 1.15 2.63 -16.12
C PHE B 304 0.13 1.83 -16.92
N PHE B 305 -1.09 1.69 -16.41
CA PHE B 305 -2.05 0.72 -16.96
C PHE B 305 -2.84 1.31 -18.11
N VAL B 306 -2.38 2.45 -18.66
CA VAL B 306 -2.87 2.84 -20.01
C VAL B 306 -2.12 2.07 -21.09
N TRP B 307 -1.11 1.32 -20.74
CA TRP B 307 -0.36 0.42 -21.67
C TRP B 307 -0.81 -1.01 -21.42
N PRO B 308 -1.71 -1.61 -22.21
CA PRO B 308 -2.32 -2.88 -21.82
C PRO B 308 -1.46 -4.13 -22.08
N ASP B 309 -0.34 -4.00 -22.77
CA ASP B 309 0.42 -5.19 -23.23
C ASP B 309 1.44 -5.67 -22.20
N MET B 310 0.96 -5.90 -20.98
CA MET B 310 1.78 -6.49 -19.92
C MET B 310 0.83 -7.09 -18.89
N PRO B 311 1.22 -8.24 -18.32
CA PRO B 311 0.41 -8.88 -17.28
C PRO B 311 0.07 -7.93 -16.12
N GLU B 312 0.99 -7.02 -15.79
CA GLU B 312 0.78 -6.07 -14.67
C GLU B 312 -0.45 -5.21 -14.95
N SER B 313 -0.69 -4.78 -16.19
CA SER B 313 -1.89 -3.99 -16.48
C SER B 313 -3.15 -4.81 -16.33
N LEU B 314 -3.14 -6.05 -16.83
CA LEU B 314 -4.32 -6.93 -16.63
C LEU B 314 -4.57 -7.14 -15.12
N GLU B 315 -3.49 -7.25 -14.39
CA GLU B 315 -3.57 -7.48 -12.92
C GLU B 315 -4.24 -6.24 -12.28
N ALA B 316 -3.82 -5.05 -12.69
CA ALA B 316 -4.41 -3.81 -12.19
C ALA B 316 -5.88 -3.78 -12.50
N TYR B 317 -6.28 -4.08 -13.75
CA TYR B 317 -7.71 -4.09 -14.12
C TYR B 317 -8.52 -5.03 -13.22
N ALA B 318 -7.93 -6.18 -12.91
CA ALA B 318 -8.60 -7.15 -12.05
C ALA B 318 -8.76 -6.57 -10.62
N LEU B 319 -7.75 -5.84 -10.13
CA LEU B 319 -7.90 -5.27 -8.76
C LEU B 319 -9.00 -4.22 -8.80
N ILE B 320 -9.10 -3.41 -9.86
CA ILE B 320 -10.12 -2.35 -9.97
C ILE B 320 -11.49 -3.01 -10.02
N ALA B 321 -11.66 -4.01 -10.89
CA ALA B 321 -12.91 -4.76 -11.04
C ALA B 321 -13.26 -5.41 -9.69
N GLY B 322 -12.28 -6.03 -9.03
CA GLY B 322 -12.53 -6.72 -7.76
C GLY B 322 -12.97 -5.78 -6.66
N PHE B 323 -12.36 -4.58 -6.61
CA PHE B 323 -12.77 -3.58 -5.62
C PHE B 323 -14.21 -3.19 -5.83
N PHE B 324 -14.58 -2.79 -7.05
CA PHE B 324 -15.98 -2.40 -7.32
C PHE B 324 -16.93 -3.58 -7.09
N ASP B 325 -16.50 -4.78 -7.51
CA ASP B 325 -17.38 -5.97 -7.39
C ASP B 325 -17.69 -6.27 -5.91
N SER B 326 -16.73 -5.97 -5.02
CA SER B 326 -16.91 -6.26 -3.58
C SER B 326 -17.53 -5.10 -2.83
N ARG B 327 -17.44 -3.85 -3.32
CA ARG B 327 -17.95 -2.71 -2.55
C ARG B 327 -19.29 -2.20 -3.07
N LEU B 328 -19.60 -2.32 -4.34
CA LEU B 328 -20.87 -1.77 -4.87
C LEU B 328 -22.05 -2.69 -4.52
N GLY B 329 -23.21 -2.09 -4.25
CA GLY B 329 -24.47 -2.86 -4.17
C GLY B 329 -24.87 -3.48 -5.47
N LEU B 330 -25.83 -4.41 -5.42
CA LEU B 330 -26.21 -5.29 -6.54
C LEU B 330 -27.67 -5.07 -6.93
N THR B 331 -28.49 -4.76 -5.95
CA THR B 331 -29.97 -4.83 -6.09
C THR B 331 -30.47 -3.61 -6.84
N PRO B 332 -31.55 -3.73 -7.66
CA PRO B 332 -32.07 -2.59 -8.44
C PRO B 332 -32.74 -1.46 -7.65
CL CL C . -4.91 -2.01 1.65
C1 PG6 D . 22.30 -8.94 3.25
O1 PG6 D . 21.32 -7.91 3.17
C2 PG6 D . 20.63 -7.77 4.40
C3 PG6 D . 19.78 -6.55 4.42
O2 PG6 D . 19.13 -6.46 5.68
C4 PG6 D . 18.83 -7.75 6.19
C5 PG6 D . 18.36 -7.70 7.62
O3 PG6 D . 16.98 -8.07 7.69
C6 PG6 D . 16.70 -9.13 8.58
C7 PG6 D . 15.61 -10.01 8.02
O4 PG6 D . 14.51 -9.21 7.61
C8 PG6 D . 14.32 -9.25 6.20
C9 PG6 D . 12.97 -8.80 5.82
O5 PG6 D . 12.67 -9.38 4.56
C10 PG6 D . 11.98 -8.49 3.69
C11 PG6 D . 11.10 -9.27 2.76
O6 PG6 D . 10.32 -10.25 3.43
C1 PG6 E . 18.03 -4.36 9.21
O1 PG6 E . 18.04 -5.69 9.70
C2 PG6 E . 17.02 -6.49 9.14
C3 PG6 E . 17.52 -7.84 8.68
O2 PG6 E . 16.58 -8.41 7.77
C4 PG6 E . 15.70 -9.31 8.41
C5 PG6 E . 14.35 -9.22 7.83
O3 PG6 E . 14.40 -9.31 6.41
C6 PG6 E . 13.12 -9.39 5.87
C7 PG6 E . 13.07 -8.75 4.57
O4 PG6 E . 11.75 -8.94 4.08
C8 PG6 E . 11.69 -9.03 2.67
C9 PG6 E . 10.27 -9.40 2.28
O5 PG6 E . 9.82 -10.52 3.05
MG MG F . -9.87 -1.52 6.35
C1 PG6 G . 1.36 13.59 -17.47
O1 PG6 G . 1.42 14.38 -16.27
C2 PG6 G . 0.51 14.14 -15.18
C3 PG6 G . 0.04 15.45 -14.55
O2 PG6 G . -0.32 15.26 -13.17
C4 PG6 G . -1.69 15.42 -12.91
C5 PG6 G . -2.15 14.45 -11.86
O3 PG6 G . -1.48 14.73 -10.63
C6 PG6 G . -1.71 13.73 -9.67
C7 PG6 G . -1.14 14.21 -8.46
O4 PG6 G . -1.21 13.18 -7.49
C8 PG6 G . -0.90 13.70 -6.21
C9 PG6 G . -1.74 13.09 -5.18
O5 PG6 G . -3.07 13.48 -5.36
MG MG H . -9.67 -6.60 0.13
MG MG I . -31.85 15.56 -15.88
#